data_6V9M
#
_entry.id   6V9M
#
_cell.length_a   183.712
_cell.length_b   183.712
_cell.length_c   178.523
_cell.angle_alpha   90.000
_cell.angle_beta   90.000
_cell.angle_gamma   90.000
#
_symmetry.space_group_name_H-M   'I 4 2 2'
#
loop_
_entity.id
_entity.type
_entity.pdbx_description
1 polymer 'GTPase HRas'
2 polymer 'Son of sevenless homolog 1'
3 polymer 'GTPase HRas'
4 non-polymer 'PHOSPHOAMINOPHOSPHONIC ACID-GUANYLATE ESTER'
5 non-polymer 'MAGNESIUM ION'
6 non-polymer 4-fluoro-2-methyl-N-propylbenzene-1-sulfonamide
7 non-polymer 'FORMIC ACID'
8 non-polymer GLYCEROL
9 non-polymer 'SODIUM ION'
10 water water
#
loop_
_entity_poly.entity_id
_entity_poly.type
_entity_poly.pdbx_seq_one_letter_code
_entity_poly.pdbx_strand_id
1 'polypeptide(L)'
;GMTEYKLVVVGAGGVGKSALTIQLIQNHFVDEYDPTIEDSYRKQVVIDGET(CSO)LLDILDTAGQEEASAMRDQYMRTG
EGFLCVFAINNTKSFEDIHQYREQIKRVKDSDDVPMVLVGNKCDLAARTVESRQAQDLARSYGIPYIETSAKTRQGVEDA
FYTLVREIRQH
;
A
2 'polypeptide(L)'
;GQMRLPSADVYRFAEPDSEENIIFEENMQPKAGIPIIKAGTVIKLIERLTYHMYADPNFVRTFLTTYRSFCKPQELLSLI
IERFEIPEPEPTEADRIAIENGDQPLSAELKRFRKEYIQPVQLRVLNVCRHWVEHHFYDFERDAYLLQRMEEFIGTVRGK
AMKKWVESITKIIQRKKIARDNGPGHNITFQSSPPTVEWHISRPGHIETFDLLTLHPIEIARQLTLLESDLYRAVQPSEL
VGSVWTKEDKEINSPNLLKMIRHTTNLTLWFEKCIVETENLEERVAVVSRIIEILQVFQELNNFNGVLEVVSAMNSSPVY
RLDHTFEQIPSRQKKILEEAHELSEDHYKKYLAKLRSINPPCVPFFGIYLTNILKTEEGNPEVLKRHGKELINFSKRRKV
AEITGEIQQYQNQPYCLRVESDIKRFFENLNPMGNSMEKEFTDYLFNKSLEIEPRNPKPLPRFPKKYSYPLKSPGVRPSN
PR
;
B
3 'polypeptide(L)'
;GMTEYKLVVVGAGGVGKSALTIQLIQNHFVDEYDPTIEDSYRKQVVIDGETCLLDILDTAGQEEYSAMRDQYMRTGEGFL
CVFAINNTKSFEDIHQYREQIKRVKDSDDVPMVLVGNKCDLAARTVESRQAQDLARSYGIPYIETSAKTRQGVEDAFYTL
VREIRQH
;
C
#
loop_
_chem_comp.id
_chem_comp.type
_chem_comp.name
_chem_comp.formula
FMT non-polymer 'FORMIC ACID' 'C H2 O2'
GNP non-polymer 'PHOSPHOAMINOPHOSPHONIC ACID-GUANYLATE ESTER' 'C10 H17 N6 O13 P3'
GOL non-polymer GLYCEROL 'C3 H8 O3'
MG non-polymer 'MAGNESIUM ION' 'Mg 2'
NA non-polymer 'SODIUM ION' 'Na 1'
QTG non-polymer 4-fluoro-2-methyl-N-propylbenzene-1-sulfonamide 'C10 H14 F N O2 S'
#
# COMPACT_ATOMS: atom_id res chain seq x y z
N MET A 2 4.17 15.35 -8.53
CA MET A 2 2.77 14.93 -8.70
C MET A 2 1.80 15.94 -8.09
N THR A 3 1.01 16.58 -8.95
CA THR A 3 -0.03 17.48 -8.49
C THR A 3 -1.24 16.68 -8.03
N GLU A 4 -1.85 17.10 -6.94
CA GLU A 4 -3.04 16.45 -6.41
C GLU A 4 -4.27 17.25 -6.80
N TYR A 5 -5.32 16.58 -7.26
CA TYR A 5 -6.58 17.21 -7.66
C TYR A 5 -7.74 16.62 -6.85
N LYS A 6 -8.57 17.50 -6.28
CA LYS A 6 -9.71 17.06 -5.48
C LYS A 6 -10.99 17.17 -6.32
N LEU A 7 -11.49 16.03 -6.79
CA LEU A 7 -12.68 15.97 -7.62
C LEU A 7 -13.85 15.48 -6.78
N VAL A 8 -15.02 16.05 -7.01
CA VAL A 8 -16.24 15.65 -6.30
C VAL A 8 -17.31 15.30 -7.33
N VAL A 9 -17.98 14.17 -7.14
CA VAL A 9 -19.02 13.70 -8.05
C VAL A 9 -20.36 13.93 -7.37
N VAL A 10 -21.23 14.74 -7.99
CA VAL A 10 -22.51 15.11 -7.38
C VAL A 10 -23.64 14.87 -8.38
N GLY A 11 -24.86 14.81 -7.86
CA GLY A 11 -26.04 14.55 -8.68
C GLY A 11 -27.07 13.74 -7.93
N ALA A 12 -28.25 13.64 -8.54
CA ALA A 12 -29.39 12.99 -7.90
C ALA A 12 -29.12 11.50 -7.62
N GLY A 13 -29.90 10.95 -6.69
CA GLY A 13 -29.74 9.54 -6.37
C GLY A 13 -30.01 8.66 -7.58
N GLY A 14 -29.13 7.66 -7.76
CA GLY A 14 -29.34 6.65 -8.77
C GLY A 14 -28.87 6.99 -10.17
N VAL A 15 -28.24 8.14 -10.38
CA VAL A 15 -27.83 8.52 -11.74
C VAL A 15 -26.57 7.80 -12.19
N GLY A 16 -25.84 7.17 -11.26
CA GLY A 16 -24.64 6.43 -11.58
C GLY A 16 -23.33 7.06 -11.15
N LYS A 17 -23.35 7.94 -10.14
CA LYS A 17 -22.12 8.55 -9.65
C LYS A 17 -21.13 7.48 -9.19
N SER A 18 -21.60 6.53 -8.39
CA SER A 18 -20.69 5.49 -7.89
C SER A 18 -20.24 4.58 -9.00
N ALA A 19 -21.15 4.20 -9.89
CA ALA A 19 -20.77 3.31 -10.99
C ALA A 19 -19.72 3.97 -11.89
N LEU A 20 -19.88 5.26 -12.17
CA LEU A 20 -18.88 5.99 -12.94
C LEU A 20 -17.53 5.96 -12.23
N THR A 21 -17.53 6.22 -10.92
CA THR A 21 -16.27 6.31 -10.18
C THR A 21 -15.59 4.96 -10.12
N ILE A 22 -16.35 3.90 -9.84
CA ILE A 22 -15.75 2.57 -9.74
C ILE A 22 -15.29 2.07 -11.09
N GLN A 23 -16.00 2.42 -12.16
CA GLN A 23 -15.49 2.10 -13.50
C GLN A 23 -14.15 2.79 -13.75
N LEU A 24 -14.03 4.06 -13.38
CA LEU A 24 -12.75 4.75 -13.55
C LEU A 24 -11.65 4.10 -12.71
N ILE A 25 -11.96 3.75 -11.45
CA ILE A 25 -10.93 3.31 -10.52
C ILE A 25 -10.55 1.86 -10.77
N GLN A 26 -11.54 0.99 -11.01
CA GLN A 26 -11.30 -0.45 -11.05
C GLN A 26 -11.61 -1.11 -12.39
N ASN A 27 -12.10 -0.37 -13.38
CA ASN A 27 -12.51 -0.95 -14.66
C ASN A 27 -13.60 -2.00 -14.50
N HIS A 28 -14.48 -1.79 -13.52
CA HIS A 28 -15.54 -2.74 -13.18
C HIS A 28 -16.87 -1.99 -13.14
N PHE A 29 -17.92 -2.61 -13.68
CA PHE A 29 -19.26 -2.01 -13.63
C PHE A 29 -20.07 -2.63 -12.49
N VAL A 30 -20.57 -1.78 -11.58
CA VAL A 30 -21.35 -2.22 -10.43
C VAL A 30 -22.81 -2.28 -10.84
N ASP A 31 -23.41 -3.48 -10.74
CA ASP A 31 -24.81 -3.66 -11.09
C ASP A 31 -25.74 -3.28 -9.96
N GLU A 32 -25.29 -3.44 -8.72
CA GLU A 32 -26.12 -3.13 -7.57
C GLU A 32 -26.30 -1.62 -7.43
N TYR A 33 -27.39 -1.26 -6.77
CA TYR A 33 -27.72 0.13 -6.44
C TYR A 33 -27.67 0.20 -4.91
N ASP A 34 -26.48 0.51 -4.38
CA ASP A 34 -26.24 0.66 -2.95
C ASP A 34 -26.06 2.15 -2.68
N PRO A 35 -27.06 2.84 -2.14
CA PRO A 35 -26.94 4.30 -2.01
C PRO A 35 -25.75 4.72 -1.15
N THR A 36 -25.00 5.67 -1.66
CA THR A 36 -23.78 6.14 -1.03
C THR A 36 -24.09 7.11 0.10
N ILE A 37 -23.26 7.07 1.15
CA ILE A 37 -23.25 8.13 2.15
C ILE A 37 -22.11 9.08 1.81
N GLU A 38 -20.87 8.60 1.88
CA GLU A 38 -19.74 9.31 1.28
C GLU A 38 -18.56 8.36 1.18
N ASP A 39 -17.99 8.26 -0.02
CA ASP A 39 -16.86 7.38 -0.30
C ASP A 39 -15.75 8.19 -0.94
N SER A 40 -14.53 7.71 -0.77
N SER A 40 -14.51 7.74 -0.76
CA SER A 40 -13.34 8.36 -1.29
CA SER A 40 -13.38 8.46 -1.37
C SER A 40 -12.54 7.37 -2.11
C SER A 40 -12.41 7.48 -2.00
N TYR A 41 -11.89 7.86 -3.15
CA TYR A 41 -11.00 7.03 -3.95
C TYR A 41 -9.78 7.83 -4.36
N ARG A 42 -8.67 7.14 -4.64
CA ARG A 42 -7.47 7.78 -5.16
C ARG A 42 -7.01 7.07 -6.43
N LYS A 43 -6.47 7.86 -7.37
CA LYS A 43 -5.99 7.32 -8.63
C LYS A 43 -4.79 8.12 -9.10
N GLN A 44 -3.66 7.46 -9.27
CA GLN A 44 -2.51 8.04 -9.96
C GLN A 44 -2.67 7.81 -11.45
N VAL A 45 -2.53 8.87 -12.24
CA VAL A 45 -2.76 8.74 -13.69
C VAL A 45 -1.99 9.86 -14.40
N VAL A 46 -1.48 9.53 -15.58
CA VAL A 46 -0.80 10.54 -16.41
C VAL A 46 -1.83 11.16 -17.35
N ILE A 47 -1.98 12.48 -17.26
CA ILE A 47 -2.94 13.23 -18.08
C ILE A 47 -2.16 14.32 -18.81
N ASP A 48 -2.24 14.32 -20.14
CA ASP A 48 -1.49 15.27 -20.97
C ASP A 48 -0.02 15.30 -20.58
N GLY A 49 0.55 14.11 -20.36
CA GLY A 49 1.96 13.96 -20.07
C GLY A 49 2.39 14.30 -18.67
N GLU A 50 1.48 14.66 -17.79
CA GLU A 50 1.80 15.04 -16.42
C GLU A 50 1.17 14.05 -15.46
N THR A 51 1.96 13.52 -14.52
CA THR A 51 1.42 12.58 -13.56
C THR A 51 0.66 13.33 -12.49
N CSO A 52 -0.54 12.88 -12.18
CA CSO A 52 -1.14 13.42 -10.99
CB CSO A 52 -2.07 14.55 -11.29
SG CSO A 52 -3.25 13.96 -12.47
C CSO A 52 -1.90 12.41 -10.19
O CSO A 52 -2.05 11.24 -10.58
OD CSO A 52 -2.68 14.90 -13.83
N LEU A 53 -2.37 12.89 -9.06
CA LEU A 53 -3.04 12.08 -8.11
C LEU A 53 -4.43 12.64 -7.94
N LEU A 54 -5.43 11.87 -8.35
CA LEU A 54 -6.81 12.30 -8.24
C LEU A 54 -7.37 11.79 -6.92
N ASP A 55 -7.94 12.70 -6.12
CA ASP A 55 -8.75 12.33 -4.97
C ASP A 55 -10.20 12.53 -5.39
N ILE A 56 -10.99 11.46 -5.40
CA ILE A 56 -12.35 11.52 -5.93
C ILE A 56 -13.29 11.26 -4.77
N LEU A 57 -14.15 12.25 -4.50
CA LEU A 57 -15.18 12.12 -3.47
C LEU A 57 -16.48 11.76 -4.15
N ASP A 58 -17.07 10.64 -3.74
CA ASP A 58 -18.32 10.13 -4.28
C ASP A 58 -19.41 10.41 -3.25
N THR A 59 -20.40 11.24 -3.61
CA THR A 59 -21.31 11.82 -2.63
C THR A 59 -22.68 11.18 -2.68
N ALA A 60 -23.54 11.57 -1.73
CA ALA A 60 -24.87 11.00 -1.60
C ALA A 60 -25.87 11.78 -2.44
N GLY A 61 -26.61 11.07 -3.27
CA GLY A 61 -27.67 11.70 -4.04
C GLY A 61 -29.04 11.61 -3.38
N GLN A 62 -29.23 10.69 -2.43
CA GLN A 62 -30.55 10.59 -1.80
C GLN A 62 -30.90 11.89 -1.07
N GLU A 63 -32.17 12.30 -1.18
CA GLU A 63 -32.57 13.58 -0.62
C GLU A 63 -32.41 13.64 0.89
N GLU A 64 -32.43 12.48 1.56
CA GLU A 64 -32.28 12.49 3.02
C GLU A 64 -30.92 12.99 3.46
N ALA A 65 -29.92 13.04 2.58
CA ALA A 65 -28.61 13.58 2.92
C ALA A 65 -28.41 15.01 2.43
N SER A 66 -29.48 15.70 2.01
CA SER A 66 -29.32 16.96 1.29
C SER A 66 -28.81 18.10 2.18
N ALA A 67 -28.88 17.95 3.51
CA ALA A 67 -28.40 18.98 4.42
C ALA A 67 -26.92 18.85 4.76
N MET A 68 -26.21 17.92 4.13
CA MET A 68 -24.84 17.61 4.53
C MET A 68 -23.82 17.91 3.43
N ARG A 69 -24.14 18.82 2.52
CA ARG A 69 -23.31 19.01 1.32
C ARG A 69 -22.28 20.11 1.44
N ASP A 70 -22.54 21.16 2.24
CA ASP A 70 -21.58 22.26 2.31
C ASP A 70 -20.17 21.75 2.64
N GLN A 71 -20.08 20.78 3.54
CA GLN A 71 -18.78 20.31 4.02
C GLN A 71 -17.94 19.71 2.89
N TYR A 72 -18.57 18.99 1.96
CA TYR A 72 -17.75 18.47 0.86
C TYR A 72 -17.57 19.47 -0.27
N MET A 73 -18.49 20.41 -0.43
CA MET A 73 -18.31 21.40 -1.48
C MET A 73 -17.20 22.37 -1.15
N ARG A 74 -16.96 22.62 0.15
CA ARG A 74 -15.83 23.46 0.54
C ARG A 74 -14.50 22.85 0.12
N THR A 75 -14.36 21.53 0.24
CA THR A 75 -13.06 20.90 -0.01
C THR A 75 -12.80 20.69 -1.49
N GLY A 76 -13.82 20.57 -2.32
CA GLY A 76 -13.62 20.16 -3.69
C GLY A 76 -13.04 21.27 -4.56
N GLU A 77 -12.18 20.86 -5.49
N GLU A 77 -12.19 20.86 -5.51
CA GLU A 77 -11.65 21.80 -6.47
CA GLU A 77 -11.62 21.79 -6.47
C GLU A 77 -12.50 21.83 -7.72
C GLU A 77 -12.30 21.75 -7.84
N GLY A 78 -13.02 20.68 -8.14
CA GLY A 78 -13.81 20.58 -9.34
C GLY A 78 -14.92 19.58 -9.14
N PHE A 79 -16.01 19.76 -9.89
CA PHE A 79 -17.22 18.97 -9.66
C PHE A 79 -17.72 18.34 -10.95
N LEU A 80 -17.91 17.02 -10.94
N LEU A 80 -18.04 17.06 -10.88
CA LEU A 80 -18.68 16.36 -11.97
CA LEU A 80 -18.68 16.32 -11.96
C LEU A 80 -20.14 16.44 -11.57
C LEU A 80 -20.18 16.28 -11.67
N CYS A 81 -20.96 17.08 -12.40
CA CYS A 81 -22.38 17.22 -12.14
C CYS A 81 -23.12 16.23 -13.02
N VAL A 82 -23.62 15.16 -12.41
CA VAL A 82 -24.10 13.98 -13.14
C VAL A 82 -25.62 13.94 -13.09
N PHE A 83 -26.23 13.71 -14.26
CA PHE A 83 -27.63 13.30 -14.34
C PHE A 83 -27.68 12.06 -15.21
N ALA A 84 -28.84 11.41 -15.28
CA ALA A 84 -29.02 10.25 -16.15
C ALA A 84 -29.92 10.63 -17.31
N ILE A 85 -29.55 10.22 -18.52
CA ILE A 85 -30.26 10.70 -19.71
C ILE A 85 -31.63 10.06 -19.87
N ASN A 86 -31.97 9.10 -19.01
CA ASN A 86 -33.32 8.53 -19.00
C ASN A 86 -34.11 8.97 -17.77
N ASN A 87 -33.70 10.05 -17.11
N ASN A 87 -33.72 10.08 -17.15
CA ASN A 87 -34.39 10.50 -15.89
CA ASN A 87 -34.32 10.57 -15.90
C ASN A 87 -34.45 12.03 -15.92
C ASN A 87 -34.38 12.09 -15.96
N THR A 88 -35.59 12.56 -16.35
N THR A 88 -35.53 12.62 -16.39
CA THR A 88 -35.73 14.01 -16.53
CA THR A 88 -35.64 14.07 -16.53
C THR A 88 -35.57 14.75 -15.20
C THR A 88 -35.57 14.79 -15.18
N LYS A 89 -36.08 14.17 -14.11
CA LYS A 89 -35.98 14.83 -12.81
C LYS A 89 -34.52 15.03 -12.41
N SER A 90 -33.66 14.04 -12.69
CA SER A 90 -32.26 14.21 -12.34
C SER A 90 -31.62 15.36 -13.12
N PHE A 91 -32.07 15.59 -14.36
CA PHE A 91 -31.58 16.72 -15.11
C PHE A 91 -32.06 18.03 -14.51
N GLU A 92 -33.32 18.08 -14.08
CA GLU A 92 -33.83 19.27 -13.43
C GLU A 92 -33.14 19.53 -12.09
N ASP A 93 -32.62 18.48 -11.44
CA ASP A 93 -31.90 18.68 -10.18
C ASP A 93 -30.53 19.30 -10.37
N ILE A 94 -29.99 19.31 -11.60
CA ILE A 94 -28.62 19.79 -11.82
C ILE A 94 -28.46 21.23 -11.35
N HIS A 95 -29.44 22.09 -11.65
CA HIS A 95 -29.21 23.50 -11.34
C HIS A 95 -29.13 23.74 -9.85
N GLN A 96 -29.83 22.94 -9.04
N GLN A 96 -29.80 22.92 -9.04
CA GLN A 96 -29.70 23.06 -7.59
CA GLN A 96 -29.71 23.05 -7.59
C GLN A 96 -28.25 22.80 -7.15
C GLN A 96 -28.29 22.75 -7.10
N TYR A 97 -27.63 21.75 -7.68
CA TYR A 97 -26.25 21.48 -7.32
C TYR A 97 -25.33 22.60 -7.80
N ARG A 98 -25.53 23.05 -9.04
CA ARG A 98 -24.73 24.15 -9.57
C ARG A 98 -24.82 25.38 -8.67
N GLU A 99 -26.02 25.74 -8.25
CA GLU A 99 -26.18 26.95 -7.45
C GLU A 99 -25.59 26.79 -6.07
N GLN A 100 -25.75 25.60 -5.46
CA GLN A 100 -25.19 25.40 -4.12
C GLN A 100 -23.67 25.44 -4.16
N ILE A 101 -23.06 24.83 -5.18
CA ILE A 101 -21.61 24.87 -5.29
C ILE A 101 -21.12 26.31 -5.39
N LYS A 102 -21.78 27.11 -6.24
CA LYS A 102 -21.40 28.50 -6.41
C LYS A 102 -21.53 29.28 -5.10
N ARG A 103 -22.60 29.02 -4.34
N ARG A 103 -22.59 28.99 -4.33
CA ARG A 103 -22.77 29.72 -3.08
CA ARG A 103 -22.82 29.69 -3.08
C ARG A 103 -21.68 29.35 -2.09
C ARG A 103 -21.76 29.33 -2.04
N VAL A 104 -21.46 28.04 -1.90
CA VAL A 104 -20.51 27.58 -0.89
C VAL A 104 -19.10 28.07 -1.21
N LYS A 105 -18.69 27.94 -2.46
CA LYS A 105 -17.35 28.37 -2.82
C LYS A 105 -17.28 29.86 -3.10
N ASP A 106 -18.41 30.56 -2.99
CA ASP A 106 -18.48 32.01 -3.23
C ASP A 106 -17.78 32.39 -4.52
N SER A 107 -18.17 31.72 -5.60
CA SER A 107 -17.45 31.88 -6.86
C SER A 107 -18.36 31.53 -8.03
N ASP A 108 -18.26 32.35 -9.08
CA ASP A 108 -18.96 32.14 -10.33
C ASP A 108 -18.15 31.28 -11.30
N ASP A 109 -16.97 30.82 -10.91
CA ASP A 109 -15.98 30.27 -11.83
C ASP A 109 -15.39 28.97 -11.29
N VAL A 110 -16.25 28.06 -10.82
CA VAL A 110 -15.80 26.80 -10.25
C VAL A 110 -15.62 25.76 -11.36
N PRO A 111 -14.50 25.05 -11.43
CA PRO A 111 -14.34 24.00 -12.45
C PRO A 111 -15.45 22.96 -12.34
N MET A 112 -16.15 22.73 -13.46
N MET A 112 -16.15 22.74 -13.45
CA MET A 112 -17.26 21.79 -13.50
CA MET A 112 -17.24 21.77 -13.48
C MET A 112 -17.33 21.15 -14.87
C MET A 112 -17.34 21.14 -14.86
N VAL A 113 -17.87 19.93 -14.90
CA VAL A 113 -18.24 19.25 -16.15
C VAL A 113 -19.65 18.71 -15.97
N LEU A 114 -20.50 18.90 -16.99
CA LEU A 114 -21.85 18.33 -16.97
C LEU A 114 -21.81 16.94 -17.59
N VAL A 115 -22.34 15.94 -16.87
CA VAL A 115 -22.24 14.55 -17.31
C VAL A 115 -23.64 13.96 -17.46
N GLY A 116 -23.95 13.51 -18.67
CA GLY A 116 -25.18 12.77 -18.92
C GLY A 116 -24.88 11.28 -18.98
N ASN A 117 -25.20 10.57 -17.91
CA ASN A 117 -24.80 9.17 -17.77
C ASN A 117 -25.90 8.23 -18.27
N LYS A 118 -25.53 6.95 -18.39
CA LYS A 118 -26.40 5.86 -18.87
C LYS A 118 -26.67 5.98 -20.37
N CYS A 119 -25.68 6.46 -21.13
CA CYS A 119 -25.90 6.66 -22.56
C CYS A 119 -25.92 5.34 -23.33
N ASP A 120 -25.69 4.21 -22.66
CA ASP A 120 -25.87 2.89 -23.27
C ASP A 120 -27.33 2.51 -23.42
N LEU A 121 -28.24 3.21 -22.73
CA LEU A 121 -29.65 2.87 -22.77
C LEU A 121 -30.33 3.58 -23.94
N ALA A 122 -31.16 2.84 -24.68
CA ALA A 122 -31.83 3.42 -25.83
C ALA A 122 -32.91 4.42 -25.44
N ALA A 123 -33.58 4.20 -24.31
CA ALA A 123 -34.79 4.96 -23.94
C ALA A 123 -34.42 6.28 -23.26
N ARG A 124 -33.89 7.19 -24.05
CA ARG A 124 -33.49 8.52 -23.57
C ARG A 124 -34.70 9.42 -23.38
N THR A 125 -34.70 10.21 -22.30
CA THR A 125 -35.72 11.23 -22.10
C THR A 125 -35.18 12.65 -22.03
N VAL A 126 -33.88 12.83 -21.87
CA VAL A 126 -33.23 14.14 -21.93
C VAL A 126 -32.43 14.19 -23.23
N GLU A 127 -32.78 15.12 -24.12
CA GLU A 127 -32.06 15.21 -25.37
C GLU A 127 -30.71 15.89 -25.17
N SER A 128 -29.72 15.47 -25.99
CA SER A 128 -28.38 16.03 -25.87
C SER A 128 -28.42 17.55 -26.02
N ARG A 129 -29.26 18.06 -26.91
CA ARG A 129 -29.30 19.50 -27.15
C ARG A 129 -29.71 20.27 -25.90
N GLN A 130 -30.72 19.77 -25.17
CA GLN A 130 -31.13 20.45 -23.95
C GLN A 130 -29.99 20.50 -22.93
N ALA A 131 -29.27 19.39 -22.79
CA ALA A 131 -28.15 19.38 -21.84
C ALA A 131 -27.01 20.27 -22.33
N GLN A 132 -26.72 20.25 -23.63
CA GLN A 132 -25.67 21.10 -24.15
C GLN A 132 -26.00 22.58 -23.96
N ASP A 133 -27.27 22.95 -24.18
CA ASP A 133 -27.68 24.33 -23.94
C ASP A 133 -27.40 24.74 -22.51
N LEU A 134 -27.75 23.87 -21.54
CA LEU A 134 -27.49 24.18 -20.14
C LEU A 134 -25.99 24.30 -19.88
N ALA A 135 -25.19 23.36 -20.40
CA ALA A 135 -23.75 23.44 -20.22
C ALA A 135 -23.20 24.76 -20.75
N ARG A 136 -23.64 25.18 -21.95
CA ARG A 136 -23.13 26.44 -22.49
C ARG A 136 -23.49 27.61 -21.58
N SER A 137 -24.69 27.58 -20.99
CA SER A 137 -25.09 28.66 -20.09
C SER A 137 -24.21 28.72 -18.84
N TYR A 138 -23.61 27.60 -18.45
CA TYR A 138 -22.67 27.51 -17.34
C TYR A 138 -21.23 27.72 -17.78
N GLY A 139 -20.95 27.73 -19.07
CA GLY A 139 -19.59 27.83 -19.54
C GLY A 139 -18.77 26.57 -19.39
N ILE A 140 -19.40 25.39 -19.42
CA ILE A 140 -18.70 24.14 -19.12
C ILE A 140 -18.98 23.11 -20.21
N PRO A 141 -18.12 22.10 -20.35
CA PRO A 141 -18.38 21.07 -21.34
C PRO A 141 -19.43 20.09 -20.86
N TYR A 142 -20.04 19.41 -21.84
CA TYR A 142 -21.02 18.37 -21.61
C TYR A 142 -20.50 17.08 -22.22
N ILE A 143 -20.46 16.03 -21.42
CA ILE A 143 -19.93 14.74 -21.86
C ILE A 143 -20.93 13.65 -21.48
N GLU A 144 -21.36 12.87 -22.47
CA GLU A 144 -22.24 11.74 -22.21
C GLU A 144 -21.40 10.50 -21.95
N THR A 145 -21.82 9.72 -20.94
CA THR A 145 -21.02 8.63 -20.42
C THR A 145 -21.88 7.38 -20.24
N SER A 146 -21.20 6.23 -20.20
CA SER A 146 -21.81 4.99 -19.72
C SER A 146 -20.84 4.34 -18.74
N ALA A 147 -21.25 4.23 -17.48
CA ALA A 147 -20.45 3.48 -16.53
C ALA A 147 -20.42 2.00 -16.87
N LYS A 148 -21.40 1.53 -17.65
CA LYS A 148 -21.47 0.12 -18.02
C LYS A 148 -20.47 -0.22 -19.11
N THR A 149 -20.39 0.60 -20.17
CA THR A 149 -19.54 0.30 -21.31
C THR A 149 -18.20 1.01 -21.28
N ARG A 150 -18.02 1.99 -20.40
CA ARG A 150 -16.85 2.88 -20.26
C ARG A 150 -16.90 4.04 -21.24
N GLN A 151 -17.90 4.13 -22.13
CA GLN A 151 -17.95 5.25 -23.06
C GLN A 151 -17.91 6.58 -22.31
N GLY A 152 -16.98 7.45 -22.70
CA GLY A 152 -16.90 8.80 -22.16
C GLY A 152 -16.36 8.93 -20.74
N VAL A 153 -16.08 7.83 -20.04
CA VAL A 153 -15.79 7.92 -18.61
C VAL A 153 -14.45 8.64 -18.37
N GLU A 154 -13.38 8.17 -19.00
CA GLU A 154 -12.10 8.87 -18.84
C GLU A 154 -12.22 10.31 -19.32
N ASP A 155 -12.94 10.54 -20.42
CA ASP A 155 -13.10 11.89 -20.94
C ASP A 155 -13.73 12.82 -19.91
N ALA A 156 -14.77 12.35 -19.22
CA ALA A 156 -15.43 13.19 -18.24
C ALA A 156 -14.50 13.57 -17.09
N PHE A 157 -13.85 12.58 -16.48
CA PHE A 157 -12.99 12.87 -15.34
C PHE A 157 -11.75 13.66 -15.74
N TYR A 158 -11.13 13.30 -16.88
CA TYR A 158 -9.88 13.97 -17.22
C TYR A 158 -10.14 15.36 -17.79
N THR A 159 -11.31 15.59 -18.40
CA THR A 159 -11.68 16.96 -18.77
C THR A 159 -11.80 17.82 -17.52
N LEU A 160 -12.39 17.28 -16.45
CA LEU A 160 -12.48 18.05 -15.20
C LEU A 160 -11.10 18.37 -14.66
N VAL A 161 -10.18 17.41 -14.71
CA VAL A 161 -8.81 17.69 -14.28
C VAL A 161 -8.21 18.85 -15.07
N ARG A 162 -8.40 18.84 -16.39
CA ARG A 162 -7.85 19.92 -17.22
C ARG A 162 -8.44 21.27 -16.82
N GLU A 163 -9.70 21.30 -16.41
N GLU A 163 -9.72 21.29 -16.48
CA GLU A 163 -10.29 22.57 -16.04
CA GLU A 163 -10.37 22.51 -16.02
C GLU A 163 -9.80 23.07 -14.68
C GLU A 163 -9.69 23.03 -14.75
N ILE A 164 -9.47 22.15 -13.77
CA ILE A 164 -8.81 22.56 -12.54
C ILE A 164 -7.41 23.05 -12.84
N ARG A 165 -6.70 22.36 -13.74
CA ARG A 165 -5.34 22.74 -14.06
C ARG A 165 -5.29 24.15 -14.67
N GLN A 166 -6.27 24.50 -15.49
CA GLN A 166 -6.25 25.81 -16.16
C GLN A 166 -6.93 26.90 -15.36
N HIS A 167 -7.53 26.56 -14.22
CA HIS A 167 -8.24 27.52 -13.37
C HIS A 167 -7.29 28.56 -12.76
N GLY B 1 -26.30 30.99 17.46
CA GLY B 1 -25.42 30.28 18.36
C GLY B 1 -25.29 28.82 18.01
N GLN B 2 -24.31 28.14 18.61
CA GLN B 2 -24.18 26.71 18.40
C GLN B 2 -25.38 25.99 19.00
N MET B 3 -25.64 24.80 18.49
CA MET B 3 -26.66 23.96 19.08
C MET B 3 -26.24 23.54 20.47
N ARG B 4 -27.20 23.50 21.38
CA ARG B 4 -26.96 22.86 22.65
C ARG B 4 -26.89 21.34 22.46
N LEU B 5 -26.22 20.68 23.38
CA LEU B 5 -25.93 19.26 23.31
C LEU B 5 -26.58 18.54 24.47
N PRO B 6 -26.77 17.21 24.37
CA PRO B 6 -27.21 16.46 25.55
C PRO B 6 -26.19 16.62 26.66
N SER B 7 -26.66 16.41 27.89
CA SER B 7 -25.76 16.37 29.03
C SER B 7 -24.73 15.26 28.85
N ALA B 8 -23.46 15.57 29.13
CA ALA B 8 -22.43 14.55 29.01
C ALA B 8 -22.65 13.39 29.98
N ASP B 9 -23.51 13.57 30.97
CA ASP B 9 -23.85 12.48 31.89
C ASP B 9 -24.72 11.42 31.23
N VAL B 10 -25.58 11.81 30.29
CA VAL B 10 -26.41 10.84 29.58
C VAL B 10 -25.85 10.46 28.21
N TYR B 11 -24.92 11.25 27.68
CA TYR B 11 -24.40 10.99 26.33
C TYR B 11 -22.92 11.36 26.32
N ARG B 12 -22.05 10.35 26.33
CA ARG B 12 -20.64 10.59 26.61
C ARG B 12 -19.94 11.43 25.55
N PHE B 13 -20.48 11.46 24.33
CA PHE B 13 -19.80 12.12 23.23
C PHE B 13 -20.06 13.63 23.19
N ALA B 14 -20.68 14.20 24.22
CA ALA B 14 -20.89 15.63 24.32
C ALA B 14 -19.92 16.30 25.28
N GLU B 15 -18.96 15.56 25.83
CA GLU B 15 -17.95 16.17 26.67
C GLU B 15 -17.14 17.18 25.85
N PRO B 16 -16.81 18.35 26.43
CA PRO B 16 -16.03 19.32 25.66
C PRO B 16 -14.64 18.80 25.33
N ASP B 17 -14.14 19.20 24.17
CA ASP B 17 -12.74 18.96 23.83
C ASP B 17 -11.84 19.62 24.84
N SER B 18 -10.78 18.91 25.23
CA SER B 18 -9.73 19.50 26.06
C SER B 18 -8.45 18.77 25.77
N GLU B 19 -7.32 19.36 26.18
CA GLU B 19 -6.05 18.66 25.99
C GLU B 19 -5.96 17.39 26.82
N GLU B 20 -6.88 17.17 27.76
CA GLU B 20 -6.93 15.91 28.49
C GLU B 20 -7.61 14.80 27.70
N ASN B 21 -8.27 15.11 26.58
CA ASN B 21 -8.93 14.06 25.81
C ASN B 21 -8.72 14.13 24.30
N ILE B 22 -8.15 15.21 23.75
CA ILE B 22 -7.86 15.25 22.31
C ILE B 22 -6.76 16.28 22.05
N ILE B 23 -5.84 15.93 21.16
CA ILE B 23 -4.78 16.84 20.75
C ILE B 23 -4.75 16.90 19.23
N PHE B 24 -4.76 18.10 18.69
CA PHE B 24 -4.75 18.26 17.23
C PHE B 24 -3.34 18.58 16.75
N GLU B 25 -3.05 18.18 15.51
CA GLU B 25 -1.83 18.64 14.86
C GLU B 25 -1.92 20.12 14.54
N GLU B 26 -0.76 20.75 14.40
CA GLU B 26 -0.71 22.14 13.96
C GLU B 26 -1.02 22.21 12.46
N GLY B 33 -10.17 22.26 5.13
CA GLY B 33 -9.57 22.75 6.36
C GLY B 33 -10.14 22.09 7.60
N ILE B 34 -10.21 20.76 7.61
CA ILE B 34 -10.70 20.05 8.78
C ILE B 34 -9.51 19.73 9.68
N PRO B 35 -9.72 19.64 10.99
CA PRO B 35 -8.59 19.37 11.89
C PRO B 35 -8.04 17.96 11.69
N ILE B 36 -6.75 17.82 12.02
CA ILE B 36 -6.06 16.54 11.96
C ILE B 36 -5.71 16.15 13.39
N ILE B 37 -6.09 14.94 13.79
CA ILE B 37 -5.97 14.52 15.17
C ILE B 37 -4.60 13.88 15.40
N LYS B 38 -3.87 14.39 16.40
CA LYS B 38 -2.63 13.76 16.82
C LYS B 38 -2.87 12.63 17.81
N ALA B 39 -3.72 12.86 18.80
CA ALA B 39 -3.95 11.88 19.85
C ALA B 39 -5.32 12.13 20.46
N GLY B 40 -5.88 11.10 21.08
CA GLY B 40 -7.15 11.30 21.78
C GLY B 40 -7.59 10.06 22.51
N THR B 41 -8.59 10.25 23.37
CA THR B 41 -9.26 9.08 23.94
C THR B 41 -10.05 8.37 22.84
N VAL B 42 -10.39 7.10 23.09
CA VAL B 42 -11.17 6.38 22.09
C VAL B 42 -12.53 7.05 21.89
N ILE B 43 -13.12 7.58 22.96
CA ILE B 43 -14.39 8.29 22.84
C ILE B 43 -14.26 9.48 21.89
N LYS B 44 -13.19 10.26 22.05
CA LYS B 44 -13.01 11.42 21.18
C LYS B 44 -12.70 11.01 19.74
N LEU B 45 -11.96 9.92 19.56
CA LEU B 45 -11.71 9.46 18.20
C LEU B 45 -13.01 9.07 17.51
N ILE B 46 -13.91 8.40 18.25
CA ILE B 46 -15.16 7.97 17.64
C ILE B 46 -16.08 9.16 17.39
N GLU B 47 -16.06 10.13 18.29
CA GLU B 47 -16.81 11.37 18.05
C GLU B 47 -16.38 12.02 16.74
N ARG B 48 -15.06 12.17 16.54
CA ARG B 48 -14.58 12.83 15.34
C ARG B 48 -14.70 11.94 14.11
N LEU B 49 -14.75 10.63 14.29
CA LEU B 49 -15.01 9.69 13.19
C LEU B 49 -16.41 9.89 12.63
N THR B 50 -17.32 10.42 13.42
CA THR B 50 -18.73 10.51 13.09
C THR B 50 -19.22 11.91 13.37
N TYR B 51 -18.42 12.92 13.03
CA TYR B 51 -18.63 14.28 13.51
C TYR B 51 -19.81 14.96 12.80
N HIS B 52 -20.57 15.78 13.53
CA HIS B 52 -21.75 16.35 12.90
C HIS B 52 -21.40 17.45 11.88
N MET B 53 -20.23 18.07 11.97
CA MET B 53 -19.93 19.22 11.12
C MET B 53 -19.33 18.84 9.77
N TYR B 54 -18.71 17.66 9.66
CA TYR B 54 -18.08 17.33 8.39
C TYR B 54 -17.89 15.83 8.32
N ALA B 55 -17.78 15.33 7.08
CA ALA B 55 -17.39 13.96 6.83
C ALA B 55 -15.88 13.89 6.65
N ASP B 56 -15.35 12.71 6.89
CA ASP B 56 -13.90 12.53 6.91
C ASP B 56 -13.60 11.14 6.39
N PRO B 57 -13.82 10.90 5.09
CA PRO B 57 -13.72 9.53 4.57
C PRO B 57 -12.34 8.94 4.73
N ASN B 58 -11.27 9.75 4.64
N ASN B 58 -11.29 9.77 4.57
CA ASN B 58 -9.94 9.19 4.83
CA ASN B 58 -9.94 9.29 4.83
C ASN B 58 -9.64 8.90 6.30
C ASN B 58 -9.83 8.77 6.26
N PHE B 59 -10.32 9.56 7.22
CA PHE B 59 -10.26 9.16 8.63
C PHE B 59 -10.99 7.84 8.86
N VAL B 60 -12.14 7.66 8.20
CA VAL B 60 -12.87 6.40 8.32
C VAL B 60 -11.99 5.25 7.87
N ARG B 61 -11.33 5.39 6.72
CA ARG B 61 -10.44 4.32 6.27
C ARG B 61 -9.27 4.12 7.22
N THR B 62 -8.61 5.22 7.63
N THR B 62 -8.65 5.20 7.69
CA THR B 62 -7.50 5.11 8.57
CA THR B 62 -7.48 5.03 8.55
C THR B 62 -7.93 4.40 9.84
C THR B 62 -7.86 4.49 9.92
N PHE B 63 -9.04 4.85 10.43
CA PHE B 63 -9.52 4.27 11.68
C PHE B 63 -9.86 2.79 11.51
N LEU B 64 -10.64 2.44 10.48
CA LEU B 64 -11.05 1.04 10.36
C LEU B 64 -9.88 0.15 9.99
N THR B 65 -8.84 0.70 9.37
CA THR B 65 -7.66 -0.12 9.07
C THR B 65 -6.84 -0.42 10.32
N THR B 66 -6.77 0.52 11.27
CA THR B 66 -5.77 0.46 12.33
C THR B 66 -6.33 0.33 13.74
N TYR B 67 -7.65 0.36 13.93
CA TYR B 67 -8.16 0.54 15.30
C TYR B 67 -7.88 -0.65 16.21
N ARG B 68 -7.56 -1.82 15.67
CA ARG B 68 -7.49 -2.99 16.54
C ARG B 68 -6.27 -2.94 17.46
N SER B 69 -5.31 -2.05 17.19
CA SER B 69 -4.18 -1.80 18.08
C SER B 69 -4.58 -1.03 19.32
N PHE B 70 -5.80 -0.49 19.39
CA PHE B 70 -6.21 0.20 20.60
C PHE B 70 -7.65 -0.07 21.04
N CYS B 71 -8.43 -0.82 20.27
CA CYS B 71 -9.82 -1.08 20.63
C CYS B 71 -10.23 -2.42 20.02
N LYS B 72 -10.90 -3.27 20.82
CA LYS B 72 -11.31 -4.55 20.22
C LYS B 72 -12.54 -4.35 19.33
N PRO B 73 -12.69 -5.19 18.30
CA PRO B 73 -13.88 -5.10 17.43
C PRO B 73 -15.20 -5.09 18.19
N GLN B 74 -15.38 -5.95 19.20
CA GLN B 74 -16.63 -5.96 19.95
C GLN B 74 -16.86 -4.63 20.66
N GLU B 75 -15.78 -4.03 21.17
CA GLU B 75 -15.89 -2.76 21.88
C GLU B 75 -16.16 -1.61 20.92
N LEU B 76 -15.56 -1.65 19.73
CA LEU B 76 -15.87 -0.64 18.72
C LEU B 76 -17.34 -0.64 18.37
N LEU B 77 -17.91 -1.83 18.15
CA LEU B 77 -19.34 -1.88 17.82
C LEU B 77 -20.18 -1.31 18.95
N SER B 78 -19.86 -1.66 20.20
CA SER B 78 -20.61 -1.09 21.33
C SER B 78 -20.52 0.43 21.32
N LEU B 79 -19.34 0.98 21.06
CA LEU B 79 -19.17 2.42 21.11
C LEU B 79 -19.90 3.12 19.97
N ILE B 80 -19.94 2.53 18.77
CA ILE B 80 -20.65 3.28 17.73
C ILE B 80 -22.16 3.13 17.89
N ILE B 81 -22.63 2.03 18.49
CA ILE B 81 -24.06 1.96 18.84
C ILE B 81 -24.39 3.02 19.88
N GLU B 82 -23.54 3.17 20.90
CA GLU B 82 -23.73 4.23 21.89
C GLU B 82 -23.73 5.61 21.23
N ARG B 83 -22.84 5.80 20.25
CA ARG B 83 -22.79 7.07 19.51
C ARG B 83 -24.10 7.33 18.79
N PHE B 84 -24.68 6.27 18.21
CA PHE B 84 -25.89 6.40 17.39
C PHE B 84 -27.10 6.83 18.21
N GLU B 85 -27.16 6.44 19.49
CA GLU B 85 -28.37 6.60 20.30
C GLU B 85 -28.34 7.95 21.00
N ILE B 86 -28.73 8.97 20.25
CA ILE B 86 -28.62 10.37 20.67
C ILE B 86 -29.96 10.81 21.27
N PRO B 87 -29.97 11.35 22.47
CA PRO B 87 -31.24 11.83 23.03
C PRO B 87 -31.67 13.12 22.38
N GLU B 88 -33.03 13.28 22.24
CA GLU B 88 -33.57 14.51 21.70
C GLU B 88 -33.82 15.50 22.83
N PRO B 89 -33.69 16.80 22.56
CA PRO B 89 -33.88 17.79 23.62
C PRO B 89 -35.35 17.93 23.98
N GLU B 90 -35.60 18.44 25.18
CA GLU B 90 -36.96 18.69 25.65
C GLU B 90 -37.53 19.96 25.00
N PRO B 91 -38.86 20.12 25.01
CA PRO B 91 -39.45 21.34 24.46
C PRO B 91 -38.93 22.59 25.15
N THR B 92 -38.75 23.66 24.38
CA THR B 92 -38.28 24.93 24.92
C THR B 92 -39.44 25.72 25.52
N GLU B 93 -39.10 26.86 26.14
CA GLU B 93 -40.12 27.70 26.76
C GLU B 93 -41.17 28.14 25.75
N ALA B 94 -40.75 28.54 24.54
CA ALA B 94 -41.72 28.93 23.52
C ALA B 94 -42.63 27.76 23.15
N ASP B 95 -42.06 26.54 23.05
CA ASP B 95 -42.88 25.38 22.75
C ASP B 95 -43.87 25.11 23.87
N ARG B 96 -43.46 25.25 25.13
N ARG B 96 -43.43 25.24 25.12
CA ARG B 96 -44.37 25.00 26.24
CA ARG B 96 -44.30 25.05 26.28
C ARG B 96 -45.53 25.99 26.24
C ARG B 96 -45.49 25.99 26.24
N ILE B 97 -45.24 27.27 25.98
CA ILE B 97 -46.31 28.25 25.96
C ILE B 97 -47.30 27.97 24.83
N ALA B 98 -46.80 27.53 23.67
CA ALA B 98 -47.71 27.16 22.58
C ALA B 98 -48.60 25.99 22.99
N ILE B 99 -48.00 24.96 23.58
CA ILE B 99 -48.76 23.78 23.99
C ILE B 99 -49.79 24.13 25.05
N GLU B 100 -49.44 25.05 25.96
CA GLU B 100 -50.38 25.45 27.00
C GLU B 100 -51.58 26.17 26.43
N ASN B 101 -51.44 26.79 25.26
CA ASN B 101 -52.55 27.44 24.58
C ASN B 101 -53.24 26.53 23.58
N GLY B 102 -52.91 25.24 23.56
CA GLY B 102 -53.54 24.31 22.65
C GLY B 102 -53.07 24.40 21.22
N ASP B 103 -51.97 25.11 20.97
CA ASP B 103 -51.42 25.28 19.63
C ASP B 103 -50.28 24.29 19.40
N GLN B 104 -49.93 24.10 18.12
CA GLN B 104 -48.79 23.25 17.80
C GLN B 104 -47.50 24.03 18.01
N PRO B 105 -46.53 23.48 18.74
CA PRO B 105 -45.25 24.19 18.92
C PRO B 105 -44.48 24.25 17.61
N LEU B 106 -43.66 25.29 17.49
CA LEU B 106 -42.79 25.41 16.32
C LEU B 106 -41.64 24.41 16.40
N SER B 107 -41.18 24.09 17.61
CA SER B 107 -40.12 23.10 17.83
C SER B 107 -38.87 23.42 17.02
N ALA B 108 -38.55 24.71 16.91
CA ALA B 108 -37.45 25.13 16.06
C ALA B 108 -36.13 24.52 16.50
N GLU B 109 -35.85 24.52 17.81
CA GLU B 109 -34.56 24.00 18.28
C GLU B 109 -34.50 22.49 18.11
N LEU B 110 -35.61 21.79 18.36
CA LEU B 110 -35.65 20.34 18.17
C LEU B 110 -35.43 19.98 16.71
N LYS B 111 -36.12 20.68 15.81
CA LYS B 111 -35.97 20.40 14.38
C LYS B 111 -34.53 20.65 13.92
N ARG B 112 -33.92 21.74 14.39
CA ARG B 112 -32.53 22.01 14.01
C ARG B 112 -31.59 20.94 14.53
N PHE B 113 -31.79 20.52 15.78
CA PHE B 113 -30.91 19.49 16.35
C PHE B 113 -31.06 18.18 15.59
N ARG B 114 -32.28 17.82 15.19
CA ARG B 114 -32.45 16.62 14.37
C ARG B 114 -31.73 16.75 13.03
N LYS B 115 -31.88 17.91 12.37
CA LYS B 115 -31.38 18.08 11.02
C LYS B 115 -29.86 18.24 11.00
N GLU B 116 -29.30 18.91 12.01
CA GLU B 116 -27.90 19.30 11.97
C GLU B 116 -27.01 18.52 12.93
N TYR B 117 -27.58 17.79 13.89
CA TYR B 117 -26.76 16.94 14.75
C TYR B 117 -27.14 15.47 14.62
N ILE B 118 -28.39 15.10 14.91
CA ILE B 118 -28.73 13.67 14.96
C ILE B 118 -28.59 13.03 13.59
N GLN B 119 -29.20 13.62 12.56
CA GLN B 119 -29.18 12.95 11.26
C GLN B 119 -27.76 12.85 10.69
N PRO B 120 -26.91 13.89 10.75
CA PRO B 120 -25.54 13.68 10.25
C PRO B 120 -24.74 12.69 11.06
N VAL B 121 -24.82 12.74 12.39
CA VAL B 121 -24.05 11.78 13.20
C VAL B 121 -24.52 10.36 12.93
N GLN B 122 -25.85 10.15 12.90
CA GLN B 122 -26.37 8.81 12.66
C GLN B 122 -25.98 8.30 11.29
N LEU B 123 -26.09 9.16 10.27
CA LEU B 123 -25.68 8.75 8.94
C LEU B 123 -24.20 8.41 8.91
N ARG B 124 -23.39 9.18 9.63
CA ARG B 124 -21.95 8.89 9.60
C ARG B 124 -21.61 7.65 10.41
N VAL B 125 -22.38 7.33 11.46
CA VAL B 125 -22.23 6.02 12.10
C VAL B 125 -22.53 4.92 11.10
N LEU B 126 -23.64 5.05 10.35
CA LEU B 126 -23.95 4.03 9.35
C LEU B 126 -22.88 3.93 8.28
N ASN B 127 -22.24 5.06 7.95
CA ASN B 127 -21.17 4.99 6.96
C ASN B 127 -19.97 4.23 7.51
N VAL B 128 -19.70 4.35 8.81
CA VAL B 128 -18.65 3.52 9.42
C VAL B 128 -19.03 2.06 9.31
N CYS B 129 -20.29 1.73 9.64
CA CYS B 129 -20.75 0.35 9.52
C CYS B 129 -20.62 -0.16 8.09
N ARG B 130 -21.02 0.68 7.12
CA ARG B 130 -20.97 0.28 5.72
C ARG B 130 -19.53 0.01 5.28
N HIS B 131 -18.61 0.93 5.61
CA HIS B 131 -17.20 0.72 5.27
C HIS B 131 -16.63 -0.48 6.00
N TRP B 132 -17.03 -0.68 7.25
CA TRP B 132 -16.54 -1.82 8.04
C TRP B 132 -16.90 -3.13 7.37
N VAL B 133 -18.18 -3.28 6.97
CA VAL B 133 -18.63 -4.52 6.33
C VAL B 133 -18.04 -4.66 4.93
N GLU B 134 -17.95 -3.56 4.17
CA GLU B 134 -17.52 -3.71 2.77
C GLU B 134 -16.02 -3.94 2.63
N HIS B 135 -15.21 -3.28 3.47
CA HIS B 135 -13.77 -3.24 3.27
C HIS B 135 -12.96 -3.87 4.39
N HIS B 136 -13.59 -4.23 5.51
CA HIS B 136 -12.87 -4.83 6.63
C HIS B 136 -13.68 -5.99 7.19
N PHE B 137 -14.29 -6.78 6.30
CA PHE B 137 -15.22 -7.83 6.70
C PHE B 137 -14.53 -8.95 7.47
N TYR B 138 -13.20 -9.01 7.45
CA TYR B 138 -12.51 -10.07 8.17
C TYR B 138 -12.84 -10.08 9.66
N ASP B 139 -13.17 -8.92 10.24
CA ASP B 139 -13.55 -8.93 11.65
C ASP B 139 -14.76 -9.82 11.87
N PHE B 140 -15.71 -9.81 10.93
CA PHE B 140 -16.93 -10.59 11.04
C PHE B 140 -16.73 -12.04 10.61
N GLU B 141 -15.81 -12.29 9.67
CA GLU B 141 -15.46 -13.67 9.34
C GLU B 141 -14.83 -14.38 10.52
N ARG B 142 -14.06 -13.66 11.33
CA ARG B 142 -13.33 -14.25 12.43
C ARG B 142 -14.12 -14.28 13.74
N ASP B 143 -15.26 -13.58 13.80
CA ASP B 143 -16.06 -13.51 15.02
C ASP B 143 -17.53 -13.50 14.59
N ALA B 144 -18.15 -14.69 14.57
CA ALA B 144 -19.53 -14.78 14.11
C ALA B 144 -20.47 -14.00 15.02
N TYR B 145 -20.16 -13.91 16.31
CA TYR B 145 -21.04 -13.18 17.21
C TYR B 145 -21.00 -11.67 16.92
N LEU B 146 -19.83 -11.14 16.57
CA LEU B 146 -19.76 -9.75 16.13
C LEU B 146 -20.68 -9.51 14.94
N LEU B 147 -20.71 -10.44 13.99
CA LEU B 147 -21.59 -10.29 12.83
C LEU B 147 -23.06 -10.31 13.25
N GLN B 148 -23.42 -11.21 14.16
CA GLN B 148 -24.80 -11.22 14.65
C GLN B 148 -25.16 -9.87 15.27
N ARG B 149 -24.27 -9.31 16.07
CA ARG B 149 -24.57 -8.02 16.71
C ARG B 149 -24.73 -6.92 15.67
N MET B 150 -23.88 -6.89 14.65
CA MET B 150 -24.02 -5.90 13.60
C MET B 150 -25.33 -6.07 12.83
N GLU B 151 -25.68 -7.30 12.48
CA GLU B 151 -26.95 -7.55 11.79
C GLU B 151 -28.13 -7.09 12.62
N GLU B 152 -28.09 -7.36 13.93
N GLU B 152 -28.10 -7.38 13.92
CA GLU B 152 -29.20 -6.99 14.81
CA GLU B 152 -29.20 -6.99 14.81
C GLU B 152 -29.29 -5.48 15.00
C GLU B 152 -29.28 -5.47 14.94
N PHE B 153 -28.14 -4.81 15.07
CA PHE B 153 -28.15 -3.35 15.18
C PHE B 153 -28.74 -2.72 13.94
N ILE B 154 -28.20 -3.06 12.77
CA ILE B 154 -28.68 -2.47 11.52
C ILE B 154 -30.15 -2.82 11.31
N GLY B 155 -30.50 -4.08 11.54
CA GLY B 155 -31.86 -4.53 11.27
C GLY B 155 -32.91 -3.98 12.20
N THR B 156 -32.53 -3.29 13.27
CA THR B 156 -33.50 -2.72 14.19
C THR B 156 -33.45 -1.18 14.27
N VAL B 157 -32.75 -0.53 13.34
CA VAL B 157 -32.81 0.93 13.25
C VAL B 157 -34.17 1.34 12.69
N ARG B 158 -34.89 2.17 13.42
CA ARG B 158 -36.22 2.61 13.03
C ARG B 158 -36.18 4.01 12.42
N GLY B 159 -37.30 4.41 11.84
CA GLY B 159 -37.42 5.79 11.40
C GLY B 159 -36.98 6.00 9.97
N LYS B 160 -37.67 6.91 9.27
CA LYS B 160 -37.57 6.94 7.82
C LYS B 160 -36.32 7.63 7.30
N ALA B 161 -35.66 8.48 8.09
CA ALA B 161 -34.51 9.22 7.57
C ALA B 161 -33.36 8.29 7.20
N MET B 162 -33.16 7.22 7.98
CA MET B 162 -32.07 6.28 7.74
C MET B 162 -32.48 5.06 6.93
N LYS B 163 -33.77 4.93 6.57
CA LYS B 163 -34.31 3.67 6.07
C LYS B 163 -33.60 3.17 4.81
N LYS B 164 -33.33 4.06 3.85
CA LYS B 164 -32.69 3.61 2.61
C LYS B 164 -31.33 2.97 2.89
N TRP B 165 -30.55 3.57 3.80
CA TRP B 165 -29.22 3.04 4.04
C TRP B 165 -29.26 1.81 4.94
N VAL B 166 -30.22 1.74 5.87
CA VAL B 166 -30.35 0.55 6.70
C VAL B 166 -30.72 -0.66 5.85
N GLU B 167 -31.70 -0.49 4.96
CA GLU B 167 -32.08 -1.61 4.10
C GLU B 167 -30.93 -2.00 3.17
N SER B 168 -30.18 -1.01 2.67
CA SER B 168 -29.04 -1.31 1.81
C SER B 168 -27.96 -2.06 2.56
N ILE B 169 -27.60 -1.58 3.75
CA ILE B 169 -26.53 -2.23 4.52
C ILE B 169 -26.92 -3.65 4.90
N THR B 170 -28.20 -3.88 5.22
CA THR B 170 -28.66 -5.24 5.49
C THR B 170 -28.38 -6.14 4.30
N LYS B 171 -28.70 -5.68 3.08
CA LYS B 171 -28.44 -6.49 1.90
C LYS B 171 -26.95 -6.68 1.65
N ILE B 172 -26.15 -5.63 1.86
CA ILE B 172 -24.71 -5.74 1.65
C ILE B 172 -24.11 -6.81 2.57
N ILE B 173 -24.55 -6.82 3.84
CA ILE B 173 -24.07 -7.83 4.78
C ILE B 173 -24.40 -9.24 4.28
N GLN B 174 -25.65 -9.44 3.84
CA GLN B 174 -26.05 -10.77 3.40
C GLN B 174 -25.24 -11.21 2.18
N ARG B 175 -24.96 -10.26 1.28
N ARG B 175 -24.93 -10.26 1.28
CA ARG B 175 -24.11 -10.55 0.12
CA ARG B 175 -24.11 -10.60 0.11
C ARG B 175 -22.70 -10.95 0.56
C ARG B 175 -22.68 -10.93 0.52
N LYS B 176 -22.11 -10.16 1.46
CA LYS B 176 -20.74 -10.43 1.91
C LYS B 176 -20.62 -11.80 2.56
N LYS B 177 -21.71 -12.30 3.14
CA LYS B 177 -21.65 -13.59 3.82
C LYS B 177 -21.47 -14.75 2.84
N ILE B 178 -22.05 -14.66 1.65
CA ILE B 178 -21.94 -15.77 0.70
C ILE B 178 -20.94 -15.49 -0.40
N ALA B 179 -20.20 -14.38 -0.34
CA ALA B 179 -19.19 -14.07 -1.33
C ALA B 179 -17.82 -14.62 -0.90
N ASN B 187 -15.27 -8.89 -12.67
CA ASN B 187 -15.56 -8.63 -14.08
C ASN B 187 -14.95 -7.29 -14.51
N ILE B 188 -14.15 -7.32 -15.59
CA ILE B 188 -13.31 -6.20 -16.01
C ILE B 188 -13.62 -5.82 -17.44
N THR B 189 -13.64 -4.51 -17.73
CA THR B 189 -13.86 -3.98 -19.08
C THR B 189 -12.76 -2.97 -19.44
N PHE B 190 -12.34 -2.95 -20.72
CA PHE B 190 -11.12 -2.25 -21.11
C PHE B 190 -11.28 -1.23 -22.24
N GLN B 191 -10.31 -0.33 -22.32
CA GLN B 191 -10.27 0.64 -23.40
C GLN B 191 -9.83 0.02 -24.73
N SER B 192 -9.29 -1.19 -24.74
CA SER B 192 -8.83 -1.81 -25.98
C SER B 192 -8.79 -3.33 -25.79
N SER B 193 -8.47 -4.03 -26.88
CA SER B 193 -8.25 -5.47 -26.81
C SER B 193 -6.82 -5.76 -26.35
N PRO B 194 -6.60 -6.82 -25.58
CA PRO B 194 -5.22 -7.18 -25.21
C PRO B 194 -4.45 -7.62 -26.43
N PRO B 195 -3.13 -7.49 -26.41
CA PRO B 195 -2.32 -7.92 -27.57
C PRO B 195 -2.32 -9.43 -27.72
N THR B 196 -1.97 -9.86 -28.91
CA THR B 196 -1.93 -11.29 -29.22
C THR B 196 -0.82 -11.97 -28.45
N VAL B 197 -1.11 -13.17 -27.90
CA VAL B 197 -0.11 -13.95 -27.21
C VAL B 197 0.99 -14.36 -28.18
N GLU B 198 2.24 -14.24 -27.75
CA GLU B 198 3.39 -14.51 -28.62
C GLU B 198 4.02 -15.87 -28.31
N TRP B 199 4.43 -16.57 -29.36
CA TRP B 199 5.03 -17.89 -29.24
C TRP B 199 6.36 -17.93 -29.97
N HIS B 200 7.26 -18.77 -29.45
CA HIS B 200 8.62 -18.88 -29.97
C HIS B 200 8.84 -20.36 -30.32
N ILE B 201 9.80 -21.04 -29.67
CA ILE B 201 10.09 -22.43 -30.02
C ILE B 201 8.98 -23.35 -29.51
N SER B 202 8.62 -23.22 -28.24
CA SER B 202 7.49 -23.95 -27.69
C SER B 202 6.21 -23.48 -28.36
N ARG B 203 5.37 -24.42 -28.79
CA ARG B 203 4.12 -24.06 -29.43
C ARG B 203 2.95 -24.30 -28.48
N PRO B 204 1.78 -23.70 -28.76
CA PRO B 204 0.64 -23.85 -27.84
C PRO B 204 0.34 -25.30 -27.53
N GLY B 205 0.11 -25.58 -26.24
CA GLY B 205 -0.21 -26.92 -25.79
C GLY B 205 0.97 -27.83 -25.52
N HIS B 206 2.18 -27.43 -25.86
CA HIS B 206 3.35 -28.29 -25.71
C HIS B 206 4.12 -27.94 -24.45
N ILE B 207 3.42 -28.09 -23.33
CA ILE B 207 3.91 -27.61 -22.04
C ILE B 207 5.20 -28.31 -21.65
N GLU B 208 5.42 -29.54 -22.16
CA GLU B 208 6.61 -30.29 -21.81
C GLU B 208 7.89 -29.66 -22.33
N THR B 209 7.80 -28.79 -23.34
CA THR B 209 8.98 -28.11 -23.88
C THR B 209 9.20 -26.72 -23.29
N PHE B 210 8.26 -26.22 -22.47
CA PHE B 210 8.38 -24.87 -21.93
C PHE B 210 9.65 -24.73 -21.10
N ASP B 211 10.38 -23.64 -21.32
CA ASP B 211 11.61 -23.35 -20.59
C ASP B 211 11.95 -21.89 -20.86
N LEU B 212 13.00 -21.43 -20.18
CA LEU B 212 13.42 -20.03 -20.29
C LEU B 212 13.66 -19.59 -21.73
N LEU B 213 14.34 -20.43 -22.52
CA LEU B 213 14.72 -20.03 -23.88
C LEU B 213 13.72 -20.43 -24.95
N THR B 214 12.76 -21.31 -24.63
CA THR B 214 11.81 -21.80 -25.63
C THR B 214 10.47 -21.07 -25.61
N LEU B 215 10.06 -20.55 -24.46
CA LEU B 215 8.95 -19.61 -24.47
C LEU B 215 9.41 -18.27 -25.04
N HIS B 216 8.46 -17.49 -25.55
CA HIS B 216 8.82 -16.19 -26.08
C HIS B 216 9.13 -15.23 -24.93
N PRO B 217 10.25 -14.50 -24.97
CA PRO B 217 10.56 -13.62 -23.83
C PRO B 217 9.49 -12.58 -23.57
N ILE B 218 8.82 -12.07 -24.60
CA ILE B 218 7.72 -11.13 -24.37
C ILE B 218 6.64 -11.80 -23.53
N GLU B 219 6.30 -13.04 -23.87
CA GLU B 219 5.19 -13.71 -23.21
C GLU B 219 5.57 -14.19 -21.82
N ILE B 220 6.85 -14.56 -21.61
CA ILE B 220 7.31 -14.82 -20.25
C ILE B 220 7.05 -13.59 -19.38
N ALA B 221 7.46 -12.43 -19.85
CA ALA B 221 7.28 -11.21 -19.05
C ALA B 221 5.80 -10.90 -18.85
N ARG B 222 4.97 -11.06 -19.89
CA ARG B 222 3.53 -10.78 -19.73
C ARG B 222 2.88 -11.72 -18.72
N GLN B 223 3.14 -13.03 -18.82
CA GLN B 223 2.45 -13.96 -17.95
C GLN B 223 2.97 -13.85 -16.52
N LEU B 224 4.27 -13.60 -16.33
CA LEU B 224 4.76 -13.33 -14.99
C LEU B 224 4.17 -12.04 -14.44
N THR B 225 3.95 -11.04 -15.29
CA THR B 225 3.35 -9.79 -14.80
C THR B 225 1.91 -10.00 -14.36
N LEU B 226 1.13 -10.77 -15.14
CA LEU B 226 -0.23 -11.11 -14.70
C LEU B 226 -0.20 -11.84 -13.37
N LEU B 227 0.68 -12.84 -13.25
CA LEU B 227 0.79 -13.60 -12.01
C LEU B 227 1.17 -12.70 -10.83
N GLU B 228 2.19 -11.86 -11.04
CA GLU B 228 2.70 -11.01 -9.96
C GLU B 228 1.72 -9.89 -9.63
N SER B 229 1.01 -9.38 -10.63
CA SER B 229 -0.06 -8.41 -10.37
C SER B 229 -1.17 -9.03 -9.53
N ASP B 230 -1.62 -10.23 -9.89
CA ASP B 230 -2.64 -10.89 -9.08
C ASP B 230 -2.16 -11.12 -7.65
N LEU B 231 -0.90 -11.53 -7.47
CA LEU B 231 -0.38 -11.72 -6.13
C LEU B 231 -0.33 -10.41 -5.35
N TYR B 232 0.10 -9.33 -6.01
CA TYR B 232 0.15 -8.01 -5.37
C TYR B 232 -1.24 -7.57 -4.94
N ARG B 233 -2.22 -7.72 -5.84
CA ARG B 233 -3.57 -7.25 -5.61
C ARG B 233 -4.28 -8.03 -4.51
N ALA B 234 -3.84 -9.24 -4.19
CA ALA B 234 -4.51 -10.06 -3.18
C ALA B 234 -4.13 -9.71 -1.75
N VAL B 235 -3.12 -8.87 -1.52
CA VAL B 235 -2.66 -8.61 -0.15
C VAL B 235 -3.57 -7.59 0.50
N GLN B 236 -4.18 -7.97 1.62
CA GLN B 236 -5.08 -7.08 2.36
C GLN B 236 -4.36 -6.38 3.50
N PRO B 237 -4.85 -5.22 3.95
CA PRO B 237 -4.20 -4.53 5.08
C PRO B 237 -4.16 -5.37 6.35
N SER B 238 -5.12 -6.28 6.56
CA SER B 238 -5.10 -7.15 7.72
C SER B 238 -3.82 -7.98 7.81
N GLU B 239 -3.14 -8.19 6.69
N GLU B 239 -3.13 -8.21 6.69
CA GLU B 239 -1.89 -8.94 6.71
CA GLU B 239 -1.89 -8.95 6.71
C GLU B 239 -0.69 -8.08 7.08
C GLU B 239 -0.69 -8.09 7.05
N LEU B 240 -0.89 -6.78 7.24
CA LEU B 240 0.20 -5.82 7.42
C LEU B 240 0.14 -5.09 8.75
N VAL B 241 -1.04 -4.65 9.18
CA VAL B 241 -1.09 -3.87 10.41
C VAL B 241 -0.66 -4.72 11.59
N GLY B 242 0.00 -4.10 12.55
CA GLY B 242 0.54 -4.87 13.65
C GLY B 242 1.79 -5.66 13.32
N SER B 243 2.38 -5.44 12.14
CA SER B 243 3.59 -6.12 11.69
C SER B 243 3.45 -7.64 11.75
N VAL B 244 2.24 -8.15 11.49
CA VAL B 244 1.95 -9.54 11.79
C VAL B 244 2.68 -10.48 10.84
N TRP B 245 3.16 -10.01 9.70
CA TRP B 245 3.89 -10.89 8.78
C TRP B 245 5.28 -11.24 9.30
N THR B 246 5.72 -10.59 10.38
CA THR B 246 7.02 -10.89 10.98
C THR B 246 6.92 -11.73 12.23
N LYS B 247 5.70 -11.97 12.73
CA LYS B 247 5.48 -12.59 14.03
C LYS B 247 5.26 -14.10 13.90
N GLU B 248 5.13 -14.78 15.04
CA GLU B 248 5.11 -16.24 15.04
C GLU B 248 3.94 -16.81 14.25
N ASP B 249 2.81 -16.10 14.20
CA ASP B 249 1.63 -16.56 13.47
C ASP B 249 1.56 -15.99 12.04
N LYS B 250 2.69 -15.60 11.46
CA LYS B 250 2.67 -15.00 10.12
C LYS B 250 1.99 -15.88 9.08
N GLU B 251 2.10 -17.21 9.18
CA GLU B 251 1.49 -18.03 8.13
C GLU B 251 -0.03 -17.97 8.22
N ILE B 252 -0.56 -17.72 9.42
CA ILE B 252 -2.00 -17.60 9.62
C ILE B 252 -2.47 -16.22 9.21
N ASN B 253 -1.72 -15.18 9.59
CA ASN B 253 -2.21 -13.82 9.44
C ASN B 253 -1.82 -13.15 8.13
N SER B 254 -0.76 -13.61 7.45
CA SER B 254 -0.28 -12.94 6.25
C SER B 254 -0.07 -13.90 5.07
N PRO B 255 -1.03 -14.81 4.80
CA PRO B 255 -0.76 -15.85 3.78
C PRO B 255 -0.63 -15.29 2.37
N ASN B 256 -1.40 -14.28 1.99
CA ASN B 256 -1.27 -13.76 0.63
C ASN B 256 0.04 -13.00 0.45
N LEU B 257 0.43 -12.21 1.45
CA LEU B 257 1.74 -11.55 1.38
C LEU B 257 2.85 -12.58 1.25
N LEU B 258 2.83 -13.62 2.09
CA LEU B 258 3.93 -14.59 2.03
C LEU B 258 3.94 -15.33 0.69
N LYS B 259 2.76 -15.67 0.15
N LYS B 259 2.77 -15.66 0.15
CA LYS B 259 2.73 -16.29 -1.18
CA LYS B 259 2.73 -16.29 -1.18
C LYS B 259 3.38 -15.39 -2.22
C LYS B 259 3.35 -15.39 -2.23
N MET B 260 3.09 -14.09 -2.13
CA MET B 260 3.67 -13.13 -3.08
CA MET B 260 3.66 -13.14 -3.08
C MET B 260 5.18 -13.09 -2.96
N ILE B 261 5.70 -12.99 -1.72
CA ILE B 261 7.15 -12.94 -1.53
C ILE B 261 7.79 -14.23 -1.98
N ARG B 262 7.16 -15.37 -1.68
CA ARG B 262 7.77 -16.64 -2.02
C ARG B 262 7.81 -16.85 -3.53
N HIS B 263 6.81 -16.32 -4.25
CA HIS B 263 6.90 -16.34 -5.71
C HIS B 263 8.11 -15.55 -6.19
N THR B 264 8.30 -14.34 -5.64
CA THR B 264 9.43 -13.50 -6.04
C THR B 264 10.75 -14.20 -5.76
N THR B 265 10.87 -14.82 -4.60
CA THR B 265 12.09 -15.53 -4.26
C THR B 265 12.33 -16.70 -5.19
N ASN B 266 11.27 -17.47 -5.47
CA ASN B 266 11.42 -18.63 -6.34
C ASN B 266 11.81 -18.23 -7.76
N LEU B 267 11.24 -17.15 -8.29
CA LEU B 267 11.62 -16.73 -9.63
C LEU B 267 13.07 -16.26 -9.68
N THR B 268 13.49 -15.49 -8.67
CA THR B 268 14.89 -15.06 -8.60
C THR B 268 15.82 -16.26 -8.60
N LEU B 269 15.53 -17.25 -7.75
CA LEU B 269 16.36 -18.45 -7.70
C LEU B 269 16.31 -19.24 -9.00
N TRP B 270 15.16 -19.25 -9.68
CA TRP B 270 15.09 -19.94 -10.96
C TRP B 270 16.00 -19.28 -11.99
N PHE B 271 15.99 -17.94 -12.03
CA PHE B 271 16.90 -17.22 -12.92
C PHE B 271 18.35 -17.61 -12.62
N GLU B 272 18.73 -17.61 -11.34
CA GLU B 272 20.09 -17.99 -10.96
C GLU B 272 20.41 -19.41 -11.40
N LYS B 273 19.47 -20.33 -11.18
CA LYS B 273 19.68 -21.73 -11.53
C LYS B 273 19.82 -21.91 -13.05
N CYS B 274 18.97 -21.23 -13.83
CA CYS B 274 19.11 -21.29 -15.29
C CYS B 274 20.49 -20.84 -15.73
N ILE B 275 21.04 -19.83 -15.07
CA ILE B 275 22.33 -19.27 -15.46
C ILE B 275 23.46 -20.23 -15.12
N VAL B 276 23.56 -20.61 -13.83
CA VAL B 276 24.75 -21.37 -13.42
C VAL B 276 24.68 -22.83 -13.85
N GLU B 277 23.50 -23.38 -14.15
CA GLU B 277 23.47 -24.74 -14.68
C GLU B 277 23.72 -24.79 -16.19
N THR B 278 23.90 -23.64 -16.82
CA THR B 278 24.30 -23.60 -18.24
C THR B 278 25.81 -23.46 -18.23
N GLU B 279 26.51 -24.60 -18.37
CA GLU B 279 27.95 -24.58 -18.17
C GLU B 279 28.72 -24.06 -19.37
N ASN B 280 28.23 -24.27 -20.58
CA ASN B 280 28.87 -23.73 -21.78
C ASN B 280 28.78 -22.20 -21.77
N LEU B 281 29.92 -21.53 -21.98
CA LEU B 281 29.97 -20.06 -21.87
C LEU B 281 29.05 -19.38 -22.88
N GLU B 282 29.13 -19.79 -24.16
CA GLU B 282 28.29 -19.19 -25.19
C GLU B 282 26.81 -19.37 -24.84
N GLU B 283 26.42 -20.56 -24.42
CA GLU B 283 25.03 -20.78 -24.06
C GLU B 283 24.63 -19.94 -22.85
N ARG B 284 25.54 -19.79 -21.89
CA ARG B 284 25.19 -19.03 -20.67
C ARG B 284 25.04 -17.55 -20.97
N VAL B 285 25.84 -17.02 -21.90
CA VAL B 285 25.65 -15.66 -22.40
C VAL B 285 24.25 -15.50 -22.97
N ALA B 286 23.79 -16.49 -23.75
CA ALA B 286 22.44 -16.42 -24.32
C ALA B 286 21.38 -16.43 -23.22
N VAL B 287 21.59 -17.20 -22.17
CA VAL B 287 20.65 -17.24 -21.05
C VAL B 287 20.59 -15.89 -20.34
N VAL B 288 21.76 -15.33 -20.01
CA VAL B 288 21.77 -14.04 -19.32
C VAL B 288 21.16 -12.95 -20.20
N SER B 289 21.50 -12.96 -21.48
N SER B 289 21.51 -12.95 -21.48
CA SER B 289 20.93 -11.99 -22.42
CA SER B 289 20.92 -11.98 -22.41
C SER B 289 19.42 -12.11 -22.48
C SER B 289 19.40 -12.10 -22.44
N ARG B 290 18.89 -13.33 -22.45
CA ARG B 290 17.45 -13.52 -22.52
C ARG B 290 16.78 -12.98 -21.26
N ILE B 291 17.41 -13.17 -20.10
CA ILE B 291 16.80 -12.67 -18.86
C ILE B 291 16.81 -11.15 -18.85
N ILE B 292 17.85 -10.51 -19.40
CA ILE B 292 17.84 -9.06 -19.49
C ILE B 292 16.75 -8.58 -20.45
N GLU B 293 16.48 -9.33 -21.52
CA GLU B 293 15.36 -8.98 -22.39
C GLU B 293 14.03 -9.06 -21.62
N ILE B 294 13.87 -10.10 -20.80
CA ILE B 294 12.66 -10.20 -19.98
C ILE B 294 12.57 -8.98 -19.07
N LEU B 295 13.70 -8.58 -18.49
N LEU B 295 13.70 -8.59 -18.48
CA LEU B 295 13.72 -7.37 -17.65
CA LEU B 295 13.77 -7.37 -17.67
C LEU B 295 13.27 -6.14 -18.43
C LEU B 295 13.24 -6.18 -18.45
N GLN B 296 13.69 -6.02 -19.70
CA GLN B 296 13.27 -4.88 -20.51
C GLN B 296 11.75 -4.86 -20.67
N VAL B 297 11.13 -6.03 -20.85
CA VAL B 297 9.68 -6.04 -21.00
C VAL B 297 9.00 -5.75 -19.66
N PHE B 298 9.55 -6.29 -18.56
CA PHE B 298 9.05 -5.91 -17.24
C PHE B 298 9.03 -4.40 -17.07
N GLN B 299 10.13 -3.74 -17.47
CA GLN B 299 10.19 -2.27 -17.37
C GLN B 299 9.10 -1.62 -18.19
N GLU B 300 8.89 -2.11 -19.41
CA GLU B 300 7.85 -1.54 -20.27
C GLU B 300 6.46 -1.71 -19.65
N LEU B 301 6.25 -2.79 -18.92
CA LEU B 301 4.98 -3.08 -18.26
C LEU B 301 4.84 -2.45 -16.89
N ASN B 302 5.84 -1.69 -16.42
CA ASN B 302 5.85 -1.17 -15.05
C ASN B 302 5.75 -2.28 -14.02
N ASN B 303 6.30 -3.46 -14.31
CA ASN B 303 6.32 -4.52 -13.31
C ASN B 303 7.63 -4.38 -12.53
N PHE B 304 7.60 -3.55 -11.49
CA PHE B 304 8.83 -3.31 -10.73
C PHE B 304 9.23 -4.50 -9.90
N ASN B 305 8.27 -5.29 -9.42
CA ASN B 305 8.62 -6.52 -8.74
C ASN B 305 9.45 -7.41 -9.67
N GLY B 306 9.01 -7.54 -10.93
CA GLY B 306 9.76 -8.34 -11.89
C GLY B 306 11.13 -7.77 -12.20
N VAL B 307 11.20 -6.44 -12.37
CA VAL B 307 12.50 -5.80 -12.58
C VAL B 307 13.46 -6.19 -11.46
N LEU B 308 13.02 -6.09 -10.21
CA LEU B 308 13.93 -6.36 -9.10
C LEU B 308 14.20 -7.85 -8.94
N GLU B 309 13.27 -8.72 -9.36
CA GLU B 309 13.56 -10.16 -9.41
C GLU B 309 14.80 -10.42 -10.26
N VAL B 310 14.88 -9.77 -11.42
CA VAL B 310 16.03 -9.97 -12.30
C VAL B 310 17.27 -9.34 -11.70
N VAL B 311 17.16 -8.10 -11.22
CA VAL B 311 18.31 -7.42 -10.62
C VAL B 311 18.87 -8.22 -9.46
N SER B 312 17.98 -8.76 -8.59
CA SER B 312 18.44 -9.56 -7.46
C SER B 312 19.19 -10.80 -7.94
N ALA B 313 18.70 -11.43 -9.01
CA ALA B 313 19.40 -12.61 -9.52
C ALA B 313 20.79 -12.25 -10.06
N MET B 314 20.88 -11.14 -10.81
CA MET B 314 22.16 -10.78 -11.43
C MET B 314 23.17 -10.34 -10.39
N ASN B 315 22.72 -9.86 -9.24
CA ASN B 315 23.61 -9.43 -8.18
C ASN B 315 23.75 -10.46 -7.08
N SER B 316 23.20 -11.65 -7.25
CA SER B 316 23.43 -12.72 -6.30
C SER B 316 24.89 -13.16 -6.35
N SER B 317 25.37 -13.74 -5.25
CA SER B 317 26.76 -14.20 -5.22
CA SER B 317 26.77 -14.17 -5.25
C SER B 317 27.10 -15.16 -6.36
N PRO B 318 26.24 -16.13 -6.74
CA PRO B 318 26.67 -17.03 -7.83
C PRO B 318 26.76 -16.35 -9.18
N VAL B 319 25.95 -15.35 -9.47
CA VAL B 319 25.90 -14.75 -10.80
C VAL B 319 26.81 -13.53 -10.91
N TYR B 320 26.84 -12.70 -9.86
CA TYR B 320 27.60 -11.46 -9.88
C TYR B 320 29.05 -11.68 -10.29
N ARG B 321 29.63 -12.81 -9.89
CA ARG B 321 31.04 -13.08 -10.11
C ARG B 321 31.36 -13.64 -11.50
N LEU B 322 30.39 -13.78 -12.40
CA LEU B 322 30.61 -14.44 -13.69
C LEU B 322 31.13 -13.44 -14.72
N ASP B 323 32.36 -12.96 -14.47
CA ASP B 323 32.95 -11.90 -15.31
C ASP B 323 33.06 -12.32 -16.76
N HIS B 324 33.37 -13.60 -17.04
CA HIS B 324 33.51 -14.02 -18.43
C HIS B 324 32.18 -13.96 -19.17
N THR B 325 31.08 -14.17 -18.45
CA THR B 325 29.75 -14.11 -19.05
C THR B 325 29.35 -12.67 -19.34
N PHE B 326 29.47 -11.80 -18.33
CA PHE B 326 29.07 -10.41 -18.54
C PHE B 326 29.98 -9.72 -19.54
N GLU B 327 31.22 -10.15 -19.69
CA GLU B 327 32.08 -9.54 -20.71
C GLU B 327 31.50 -9.67 -22.10
N GLN B 328 30.74 -10.75 -22.37
CA GLN B 328 30.20 -10.97 -23.71
C GLN B 328 28.80 -10.42 -23.89
N ILE B 329 28.20 -9.85 -22.85
CA ILE B 329 26.85 -9.29 -22.97
C ILE B 329 26.95 -7.96 -23.74
N PRO B 330 26.09 -7.73 -24.74
CA PRO B 330 26.15 -6.46 -25.48
C PRO B 330 26.05 -5.25 -24.56
N SER B 331 26.77 -4.19 -24.94
CA SER B 331 26.79 -2.98 -24.13
CA SER B 331 26.80 -2.97 -24.13
C SER B 331 25.39 -2.44 -23.87
N ARG B 332 24.53 -2.48 -24.89
CA ARG B 332 23.18 -1.94 -24.70
C ARG B 332 22.42 -2.71 -23.62
N GLN B 333 22.67 -4.01 -23.50
CA GLN B 333 22.00 -4.80 -22.47
C GLN B 333 22.59 -4.55 -21.09
N LYS B 334 23.92 -4.38 -21.02
CA LYS B 334 24.52 -3.98 -19.75
C LYS B 334 23.95 -2.66 -19.28
N LYS B 335 23.71 -1.74 -20.22
CA LYS B 335 23.13 -0.44 -19.84
C LYS B 335 21.72 -0.60 -19.29
N ILE B 336 20.92 -1.47 -19.90
CA ILE B 336 19.58 -1.75 -19.39
C ILE B 336 19.65 -2.30 -17.96
N LEU B 337 20.54 -3.26 -17.73
CA LEU B 337 20.66 -3.85 -16.39
C LEU B 337 21.19 -2.82 -15.39
N GLU B 338 22.16 -2.01 -15.81
CA GLU B 338 22.70 -0.98 -14.93
CA GLU B 338 22.70 -0.98 -14.93
C GLU B 338 21.63 0.02 -14.52
N GLU B 339 20.80 0.47 -15.46
N GLU B 339 20.84 0.50 -15.49
CA GLU B 339 19.79 1.45 -15.11
CA GLU B 339 19.75 1.42 -15.17
C GLU B 339 18.68 0.83 -14.25
C GLU B 339 18.79 0.80 -14.17
N ALA B 340 18.42 -0.47 -14.40
CA ALA B 340 17.51 -1.14 -13.50
C ALA B 340 18.10 -1.24 -12.10
N HIS B 341 19.39 -1.59 -12.01
CA HIS B 341 20.04 -1.66 -10.71
C HIS B 341 20.06 -0.29 -10.02
N GLU B 342 20.22 0.79 -10.79
CA GLU B 342 20.27 2.12 -10.19
C GLU B 342 18.96 2.49 -9.51
N LEU B 343 17.85 1.83 -9.87
CA LEU B 343 16.58 2.12 -9.16
C LEU B 343 16.69 1.82 -7.68
N SER B 344 17.48 0.81 -7.30
CA SER B 344 17.56 0.40 -5.91
C SER B 344 18.61 1.17 -5.13
N GLU B 345 19.51 1.88 -5.80
CA GLU B 345 20.61 2.56 -5.11
C GLU B 345 20.07 3.68 -4.22
N ASP B 346 20.87 4.04 -3.23
CA ASP B 346 20.55 5.13 -2.30
C ASP B 346 19.15 4.95 -1.72
N HIS B 347 18.91 3.76 -1.18
CA HIS B 347 17.65 3.48 -0.48
C HIS B 347 16.45 3.67 -1.42
N TYR B 348 16.58 3.15 -2.65
CA TYR B 348 15.50 3.11 -3.64
C TYR B 348 15.06 4.49 -4.09
N LYS B 349 15.95 5.47 -4.03
CA LYS B 349 15.57 6.84 -4.39
C LYS B 349 14.95 6.91 -5.79
N LYS B 350 15.62 6.33 -6.79
CA LYS B 350 15.10 6.45 -8.15
C LYS B 350 13.88 5.55 -8.37
N TYR B 351 13.82 4.39 -7.71
CA TYR B 351 12.62 3.57 -7.76
C TYR B 351 11.41 4.35 -7.26
N LEU B 352 11.54 4.98 -6.10
CA LEU B 352 10.39 5.67 -5.52
C LEU B 352 9.90 6.78 -6.44
N ALA B 353 10.83 7.52 -7.04
CA ALA B 353 10.47 8.59 -7.97
C ALA B 353 9.83 8.01 -9.22
N LYS B 354 10.33 6.87 -9.72
CA LYS B 354 9.77 6.28 -10.93
C LYS B 354 8.36 5.76 -10.67
N LEU B 355 8.15 5.07 -9.54
CA LEU B 355 6.82 4.55 -9.22
C LEU B 355 5.78 5.67 -9.19
N ARG B 356 6.15 6.81 -8.64
CA ARG B 356 5.25 7.95 -8.51
C ARG B 356 5.08 8.73 -9.81
N SER B 357 5.80 8.35 -10.87
CA SER B 357 5.70 9.06 -12.14
C SER B 357 5.00 8.27 -13.23
N ILE B 358 4.93 6.94 -13.12
CA ILE B 358 4.42 6.15 -14.25
C ILE B 358 2.90 6.19 -14.32
N ASN B 359 2.37 5.69 -15.43
CA ASN B 359 0.93 5.54 -15.60
C ASN B 359 0.58 4.10 -15.29
N PRO B 360 -0.18 3.83 -14.23
CA PRO B 360 -0.56 2.44 -13.93
C PRO B 360 -1.37 1.84 -15.06
N PRO B 361 -1.50 0.51 -15.12
CA PRO B 361 -1.13 -0.48 -14.10
C PRO B 361 0.37 -0.66 -13.88
N CYS B 362 0.71 -1.02 -12.65
CA CYS B 362 2.07 -1.38 -12.29
C CYS B 362 2.03 -2.48 -11.24
N VAL B 363 3.18 -3.08 -10.99
CA VAL B 363 3.36 -3.99 -9.86
C VAL B 363 4.47 -3.45 -8.99
N PRO B 364 4.14 -2.80 -7.89
CA PRO B 364 5.18 -2.27 -7.00
C PRO B 364 6.01 -3.38 -6.37
N PHE B 365 7.21 -3.00 -5.94
CA PHE B 365 7.99 -3.86 -5.05
C PHE B 365 7.46 -3.69 -3.63
N PHE B 366 7.04 -4.79 -2.99
CA PHE B 366 6.39 -4.69 -1.69
C PHE B 366 7.36 -4.44 -0.54
N GLY B 367 8.62 -4.79 -0.68
CA GLY B 367 9.53 -4.81 0.46
C GLY B 367 9.67 -3.46 1.13
N ILE B 368 9.69 -2.38 0.35
CA ILE B 368 9.85 -1.05 0.95
C ILE B 368 8.67 -0.73 1.85
N TYR B 369 7.46 -1.08 1.40
CA TYR B 369 6.28 -0.88 2.24
C TYR B 369 6.38 -1.63 3.56
N LEU B 370 6.87 -2.87 3.50
CA LEU B 370 6.97 -3.69 4.70
C LEU B 370 7.93 -3.04 5.70
N THR B 371 9.10 -2.63 5.22
CA THR B 371 10.07 -1.99 6.12
C THR B 371 9.49 -0.69 6.71
N ASN B 372 8.77 0.09 5.90
CA ASN B 372 8.24 1.35 6.41
C ASN B 372 7.11 1.13 7.40
N ILE B 373 6.25 0.14 7.16
CA ILE B 373 5.19 -0.16 8.15
C ILE B 373 5.83 -0.64 9.45
N LEU B 374 6.79 -1.55 9.35
N LEU B 374 6.78 -1.57 9.36
CA LEU B 374 7.41 -2.13 10.55
CA LEU B 374 7.40 -2.11 10.56
C LEU B 374 8.10 -1.04 11.38
C LEU B 374 8.07 -1.02 11.38
N LYS B 375 8.86 -0.17 10.72
CA LYS B 375 9.61 0.85 11.44
C LYS B 375 8.69 1.92 12.00
N THR B 376 7.60 2.23 11.29
CA THR B 376 6.62 3.15 11.86
C THR B 376 5.99 2.57 13.12
N GLU B 377 5.67 1.28 13.11
N GLU B 377 5.71 1.27 13.13
CA GLU B 377 5.10 0.63 14.28
CA GLU B 377 5.08 0.69 14.32
C GLU B 377 6.11 0.63 15.42
C GLU B 377 6.06 0.49 15.45
N GLU B 378 7.34 0.21 15.14
CA GLU B 378 8.34 0.02 16.19
C GLU B 378 8.86 1.33 16.73
N GLY B 379 8.87 2.39 15.92
CA GLY B 379 9.51 3.64 16.26
C GLY B 379 8.62 4.69 16.87
N ASN B 380 7.34 4.40 17.11
CA ASN B 380 6.42 5.37 17.68
C ASN B 380 5.64 4.73 18.82
N PRO B 381 5.33 5.48 19.87
CA PRO B 381 4.63 4.90 21.01
C PRO B 381 3.14 4.72 20.74
N GLU B 382 2.57 3.69 21.38
CA GLU B 382 1.15 3.45 21.28
C GLU B 382 0.33 4.58 21.91
N VAL B 383 0.84 5.18 22.97
CA VAL B 383 0.07 6.22 23.67
C VAL B 383 0.95 7.42 23.92
N LEU B 384 0.30 8.58 24.06
CA LEU B 384 0.96 9.80 24.53
C LEU B 384 0.39 10.12 25.91
N LYS B 385 1.27 10.46 26.85
CA LYS B 385 0.86 10.81 28.20
C LYS B 385 0.76 12.31 28.31
N ARG B 386 -0.43 12.81 28.66
CA ARG B 386 -0.67 14.24 28.74
C ARG B 386 -1.59 14.50 29.92
N HIS B 387 -1.16 15.40 30.81
CA HIS B 387 -1.99 15.83 31.94
C HIS B 387 -2.46 14.64 32.77
N GLY B 388 -1.58 13.66 32.95
CA GLY B 388 -1.90 12.46 33.70
C GLY B 388 -2.75 11.44 32.97
N LYS B 389 -3.19 11.74 31.73
CA LYS B 389 -4.02 10.84 30.97
C LYS B 389 -3.19 10.13 29.90
N GLU B 390 -3.62 8.93 29.53
CA GLU B 390 -3.03 8.24 28.39
C GLU B 390 -3.97 8.42 27.20
N LEU B 391 -3.44 9.02 26.15
CA LEU B 391 -4.19 9.25 24.91
C LEU B 391 -3.64 8.33 23.83
N ILE B 392 -4.55 7.79 23.01
CA ILE B 392 -4.13 6.98 21.87
C ILE B 392 -3.34 7.84 20.90
N ASN B 393 -2.14 7.39 20.54
CA ASN B 393 -1.31 8.12 19.57
C ASN B 393 -1.85 7.83 18.19
N PHE B 394 -2.74 8.70 17.70
CA PHE B 394 -3.37 8.39 16.42
C PHE B 394 -2.48 8.77 15.24
N SER B 395 -1.57 9.73 15.41
CA SER B 395 -0.65 10.08 14.34
CA SER B 395 -0.64 10.08 14.35
C SER B 395 0.11 8.85 13.85
N LYS B 396 0.49 7.95 14.77
CA LYS B 396 1.20 6.74 14.39
C LYS B 396 0.33 5.86 13.48
N ARG B 397 -0.96 5.75 13.82
CA ARG B 397 -1.86 4.95 13.00
C ARG B 397 -2.11 5.61 11.66
N ARG B 398 -2.21 6.94 11.63
CA ARG B 398 -2.34 7.63 10.34
C ARG B 398 -1.15 7.32 9.44
N LYS B 399 0.07 7.31 9.99
CA LYS B 399 1.24 7.02 9.16
C LYS B 399 1.18 5.61 8.60
N VAL B 400 0.74 4.63 9.39
CA VAL B 400 0.61 3.27 8.86
C VAL B 400 -0.44 3.24 7.76
N ALA B 401 -1.59 3.88 7.98
CA ALA B 401 -2.66 3.87 6.98
C ALA B 401 -2.30 4.67 5.73
N GLU B 402 -1.37 5.62 5.82
CA GLU B 402 -0.89 6.27 4.61
C GLU B 402 -0.18 5.26 3.73
N ILE B 403 0.57 4.35 4.34
CA ILE B 403 1.26 3.33 3.58
C ILE B 403 0.28 2.31 3.02
N THR B 404 -0.65 1.80 3.84
CA THR B 404 -1.60 0.85 3.31
C THR B 404 -2.49 1.48 2.23
N GLY B 405 -2.77 2.78 2.35
CA GLY B 405 -3.53 3.45 1.30
C GLY B 405 -2.78 3.51 -0.01
N GLU B 406 -1.47 3.76 0.06
N GLU B 406 -1.47 3.77 0.05
CA GLU B 406 -0.64 3.77 -1.16
CA GLU B 406 -0.68 3.77 -1.18
C GLU B 406 -0.59 2.41 -1.81
C GLU B 406 -0.66 2.40 -1.81
N ILE B 407 -0.47 1.35 -1.01
CA ILE B 407 -0.55 -0.01 -1.52
C ILE B 407 -1.87 -0.23 -2.24
N GLN B 408 -2.99 0.13 -1.60
CA GLN B 408 -4.29 -0.12 -2.19
C GLN B 408 -4.49 0.66 -3.48
N GLN B 409 -3.93 1.88 -3.57
CA GLN B 409 -4.14 2.68 -4.78
C GLN B 409 -3.58 1.96 -6.00
N TYR B 410 -2.43 1.28 -5.85
CA TYR B 410 -1.88 0.53 -6.98
C TYR B 410 -2.52 -0.84 -7.17
N GLN B 411 -3.40 -1.28 -6.27
CA GLN B 411 -4.11 -2.54 -6.46
C GLN B 411 -5.35 -2.39 -7.34
N ASN B 412 -5.71 -1.18 -7.75
CA ASN B 412 -7.00 -1.02 -8.42
C ASN B 412 -6.94 -1.32 -9.92
N GLN B 413 -5.85 -0.96 -10.58
CA GLN B 413 -5.78 -0.95 -12.05
C GLN B 413 -5.41 -2.32 -12.58
N PRO B 414 -6.23 -2.94 -13.42
CA PRO B 414 -5.89 -4.25 -13.99
C PRO B 414 -5.09 -4.14 -15.27
N TYR B 415 -4.28 -5.17 -15.54
CA TYR B 415 -3.52 -5.23 -16.78
C TYR B 415 -4.39 -5.70 -17.95
N CYS B 416 -4.24 -5.05 -19.10
CA CYS B 416 -4.91 -5.47 -20.31
C CYS B 416 -4.00 -6.44 -21.07
N LEU B 417 -3.88 -7.65 -20.49
CA LEU B 417 -3.09 -8.73 -21.05
C LEU B 417 -3.90 -10.02 -20.93
N ARG B 418 -3.82 -10.86 -21.97
CA ARG B 418 -4.54 -12.13 -21.96
C ARG B 418 -3.75 -13.21 -21.22
N VAL B 419 -4.44 -13.95 -20.35
CA VAL B 419 -3.81 -15.09 -19.67
C VAL B 419 -3.61 -16.21 -20.66
N GLU B 420 -2.45 -16.87 -20.59
CA GLU B 420 -2.21 -18.14 -21.28
C GLU B 420 -2.12 -19.19 -20.17
N SER B 421 -3.14 -20.05 -20.09
N SER B 421 -3.14 -20.05 -20.09
CA SER B 421 -3.30 -20.90 -18.92
CA SER B 421 -3.30 -20.90 -18.90
C SER B 421 -2.12 -21.85 -18.72
C SER B 421 -2.13 -21.86 -18.72
N ASP B 422 -1.56 -22.36 -19.82
CA ASP B 422 -0.43 -23.30 -19.71
C ASP B 422 0.84 -22.60 -19.27
N ILE B 423 1.12 -21.42 -19.82
CA ILE B 423 2.29 -20.67 -19.37
C ILE B 423 2.12 -20.25 -17.92
N LYS B 424 0.90 -19.81 -17.56
N LYS B 424 0.91 -19.80 -17.57
CA LYS B 424 0.63 -19.45 -16.18
CA LYS B 424 0.62 -19.46 -16.18
C LYS B 424 0.91 -20.64 -15.25
C LYS B 424 0.92 -20.63 -15.26
N ARG B 425 0.43 -21.82 -15.63
CA ARG B 425 0.64 -23.01 -14.80
C ARG B 425 2.12 -23.35 -14.68
N PHE B 426 2.86 -23.21 -15.79
CA PHE B 426 4.30 -23.46 -15.75
C PHE B 426 4.98 -22.58 -14.70
N PHE B 427 4.65 -21.29 -14.66
CA PHE B 427 5.31 -20.44 -13.69
C PHE B 427 4.76 -20.60 -12.29
N GLU B 428 3.49 -20.98 -12.15
CA GLU B 428 2.96 -21.27 -10.82
C GLU B 428 3.64 -22.49 -10.20
N ASN B 429 4.05 -23.45 -11.03
CA ASN B 429 4.59 -24.70 -10.53
C ASN B 429 6.11 -24.73 -10.50
N LEU B 430 6.76 -23.63 -10.88
CA LEU B 430 8.21 -23.56 -10.82
C LEU B 430 8.69 -23.86 -9.42
N ASN B 431 9.73 -24.70 -9.29
CA ASN B 431 10.22 -25.11 -7.98
C ASN B 431 11.71 -25.38 -8.07
N PRO B 432 12.52 -24.33 -8.24
CA PRO B 432 13.96 -24.56 -8.51
C PRO B 432 14.67 -25.28 -7.38
N MET B 433 14.26 -25.08 -6.12
CA MET B 433 14.94 -25.74 -5.01
CA MET B 433 14.95 -25.75 -5.02
C MET B 433 14.59 -27.22 -4.90
N GLY B 434 13.50 -27.66 -5.52
CA GLY B 434 13.14 -29.07 -5.37
C GLY B 434 12.86 -29.39 -3.91
N ASN B 435 13.36 -30.54 -3.45
CA ASN B 435 13.22 -30.91 -2.05
C ASN B 435 14.36 -30.43 -1.16
N SER B 436 15.28 -29.63 -1.71
CA SER B 436 16.45 -29.19 -0.96
C SER B 436 16.10 -28.06 -0.01
N MET B 437 16.80 -28.01 1.11
CA MET B 437 16.70 -26.86 2.00
C MET B 437 17.49 -25.68 1.42
N GLU B 438 17.21 -24.48 1.97
CA GLU B 438 17.74 -23.25 1.38
C GLU B 438 19.26 -23.23 1.36
N LYS B 439 19.90 -23.55 2.49
CA LYS B 439 21.36 -23.44 2.53
C LYS B 439 22.00 -24.43 1.56
N GLU B 440 21.52 -25.67 1.58
CA GLU B 440 21.97 -26.70 0.65
C GLU B 440 21.86 -26.20 -0.80
N PHE B 441 20.71 -25.60 -1.14
CA PHE B 441 20.50 -25.17 -2.52
C PHE B 441 21.36 -23.97 -2.89
N THR B 442 21.45 -22.97 -2.02
CA THR B 442 22.24 -21.80 -2.42
C THR B 442 23.74 -22.13 -2.41
N ASP B 443 24.19 -23.05 -1.56
CA ASP B 443 25.57 -23.53 -1.69
C ASP B 443 25.78 -24.27 -3.00
N TYR B 444 24.79 -25.07 -3.42
CA TYR B 444 24.87 -25.74 -4.71
C TYR B 444 25.06 -24.72 -5.84
N LEU B 445 24.25 -23.65 -5.83
CA LEU B 445 24.36 -22.65 -6.89
C LEU B 445 25.73 -21.99 -6.89
N PHE B 446 26.28 -21.73 -5.71
CA PHE B 446 27.58 -21.08 -5.65
C PHE B 446 28.68 -22.03 -6.10
N ASN B 447 28.58 -23.30 -5.70
CA ASN B 447 29.57 -24.26 -6.17
C ASN B 447 29.49 -24.45 -7.67
N LYS B 448 28.29 -24.38 -8.27
N LYS B 448 28.29 -24.35 -8.25
CA LYS B 448 28.21 -24.42 -9.72
CA LYS B 448 28.15 -24.39 -9.69
C LYS B 448 28.91 -23.21 -10.33
C LYS B 448 28.84 -23.21 -10.35
N SER B 449 28.70 -22.02 -9.76
CA SER B 449 29.39 -20.84 -10.26
C SER B 449 30.90 -21.02 -10.24
N LEU B 450 31.44 -21.56 -9.14
CA LEU B 450 32.87 -21.82 -9.06
C LEU B 450 33.31 -22.86 -10.09
N GLU B 451 32.46 -23.84 -10.38
CA GLU B 451 32.82 -24.85 -11.38
C GLU B 451 32.94 -24.24 -12.77
N ILE B 452 31.94 -23.42 -13.16
CA ILE B 452 31.87 -22.95 -14.54
C ILE B 452 32.82 -21.77 -14.79
N GLU B 453 33.13 -20.98 -13.77
CA GLU B 453 34.13 -19.91 -13.89
C GLU B 453 34.96 -19.93 -12.61
N PRO B 454 36.03 -20.72 -12.59
CA PRO B 454 36.83 -20.85 -11.36
C PRO B 454 37.50 -19.54 -10.94
N ARG B 455 37.76 -19.43 -9.64
N ARG B 455 37.75 -19.43 -9.64
CA ARG B 455 38.51 -18.30 -9.12
CA ARG B 455 38.51 -18.30 -9.10
C ARG B 455 39.90 -18.24 -9.75
C ARG B 455 39.89 -18.24 -9.74
N ASN B 456 40.32 -17.04 -10.10
CA ASN B 456 41.69 -16.85 -10.55
C ASN B 456 42.65 -17.29 -9.44
N PRO B 457 43.80 -17.90 -9.79
CA PRO B 457 44.34 -18.08 -11.13
C PRO B 457 43.99 -19.42 -11.80
N LYS B 458 42.97 -20.11 -11.32
CA LYS B 458 42.58 -21.37 -11.96
C LYS B 458 42.12 -21.10 -13.38
N PRO B 459 42.49 -21.95 -14.34
CA PRO B 459 42.10 -21.69 -15.73
C PRO B 459 40.61 -21.88 -15.96
N LEU B 460 40.12 -21.19 -16.98
CA LEU B 460 38.72 -21.31 -17.35
C LEU B 460 38.53 -22.60 -18.17
N PRO B 461 37.73 -23.54 -17.71
CA PRO B 461 37.49 -24.76 -18.49
C PRO B 461 36.50 -24.51 -19.61
N ARG B 462 36.40 -25.49 -20.49
CA ARG B 462 35.38 -25.51 -21.54
C ARG B 462 34.35 -26.57 -21.19
N PHE B 463 33.11 -26.36 -21.62
CA PHE B 463 32.03 -27.28 -21.33
C PHE B 463 31.20 -27.52 -22.57
N PRO B 464 30.59 -28.71 -22.70
CA PRO B 464 29.74 -28.98 -23.86
C PRO B 464 28.41 -28.23 -23.81
N LYS B 465 27.85 -28.01 -25.00
CA LYS B 465 26.53 -27.42 -25.12
C LYS B 465 25.46 -28.37 -24.57
N LYS B 466 24.38 -27.80 -24.03
CA LYS B 466 23.27 -28.57 -23.51
C LYS B 466 21.95 -28.34 -24.25
N TYR B 467 21.84 -27.28 -25.06
CA TYR B 467 20.60 -26.94 -25.75
C TYR B 467 20.69 -27.38 -27.20
N SER B 468 19.66 -28.09 -27.67
CA SER B 468 19.65 -28.59 -29.04
C SER B 468 18.91 -27.67 -30.01
N TYR B 469 18.28 -26.62 -29.52
CA TYR B 469 17.49 -25.69 -30.30
C TYR B 469 18.22 -24.37 -30.48
N PRO B 470 17.77 -23.51 -31.40
CA PRO B 470 18.49 -22.25 -31.64
C PRO B 470 18.47 -21.37 -30.41
N LEU B 471 19.59 -20.71 -30.15
CA LEU B 471 19.74 -19.77 -29.04
C LEU B 471 19.36 -18.34 -29.41
N LYS B 472 19.17 -18.04 -30.68
CA LYS B 472 18.89 -16.67 -31.08
C LYS B 472 17.56 -16.21 -30.53
N SER B 473 17.56 -15.06 -29.86
CA SER B 473 16.31 -14.52 -29.31
C SER B 473 15.42 -14.00 -30.43
N PRO B 474 14.09 -14.16 -30.31
CA PRO B 474 13.19 -13.48 -31.23
C PRO B 474 13.06 -12.00 -30.95
N GLY B 475 13.67 -11.50 -29.87
CA GLY B 475 13.60 -10.09 -29.50
C GLY B 475 12.35 -9.79 -28.70
N VAL B 476 12.24 -8.53 -28.28
CA VAL B 476 11.15 -8.15 -27.38
C VAL B 476 10.27 -7.03 -27.96
N ARG B 477 10.34 -6.81 -29.26
CA ARG B 477 9.34 -5.95 -29.87
C ARG B 477 8.17 -6.79 -30.36
N PRO B 478 6.93 -6.44 -30.02
CA PRO B 478 5.80 -7.30 -30.37
C PRO B 478 5.47 -7.30 -31.85
N SER B 479 4.87 -8.41 -32.28
CA SER B 479 4.43 -8.61 -33.66
C SER B 479 2.92 -8.50 -33.72
N ASN B 480 2.38 -8.21 -34.90
CA ASN B 480 0.94 -8.01 -35.05
C ASN B 480 0.51 -8.43 -36.44
N PRO B 481 0.11 -9.69 -36.60
CA PRO B 481 -0.59 -10.09 -37.83
C PRO B 481 -2.00 -9.54 -37.84
N ARG B 482 -2.64 -9.62 -39.00
CA ARG B 482 -4.01 -9.13 -39.11
C ARG B 482 -4.94 -10.04 -38.31
N GLY C 1 35.10 15.63 1.39
CA GLY C 1 34.97 16.07 2.76
C GLY C 1 35.07 14.95 3.77
N MET C 2 34.01 14.78 4.56
CA MET C 2 34.04 13.78 5.62
C MET C 2 33.75 12.39 5.07
N THR C 3 34.31 11.39 5.73
CA THR C 3 34.13 10.01 5.33
C THR C 3 32.70 9.58 5.59
N GLU C 4 32.14 8.81 4.65
CA GLU C 4 30.85 8.18 4.81
C GLU C 4 31.06 6.68 4.96
N TYR C 5 30.43 6.08 5.98
CA TYR C 5 30.50 4.65 6.20
C TYR C 5 29.15 4.04 5.88
N LYS C 6 29.16 3.04 5.01
CA LYS C 6 27.94 2.32 4.67
C LYS C 6 27.84 1.09 5.57
N LEU C 7 26.92 1.13 6.51
CA LEU C 7 26.74 0.05 7.48
C LEU C 7 25.46 -0.71 7.15
N VAL C 8 25.47 -2.02 7.37
CA VAL C 8 24.34 -2.89 7.07
C VAL C 8 23.97 -3.67 8.31
N VAL C 9 22.69 -3.65 8.70
CA VAL C 9 22.17 -4.40 9.83
C VAL C 9 21.57 -5.69 9.31
N VAL C 10 22.01 -6.82 9.85
CA VAL C 10 21.48 -8.12 9.43
C VAL C 10 21.06 -8.91 10.67
N GLY C 11 20.07 -9.78 10.49
CA GLY C 11 19.67 -10.66 11.57
C GLY C 11 18.24 -11.09 11.43
N ALA C 12 17.85 -12.03 12.30
CA ALA C 12 16.54 -12.63 12.24
C ALA C 12 15.44 -11.57 12.40
N GLY C 13 14.31 -11.82 11.72
CA GLY C 13 13.16 -10.95 11.85
C GLY C 13 12.29 -11.29 13.07
N GLY C 14 11.33 -10.40 13.33
CA GLY C 14 10.31 -10.64 14.33
C GLY C 14 10.76 -10.50 15.76
N VAL C 15 11.99 -10.04 16.01
CA VAL C 15 12.52 -10.02 17.37
C VAL C 15 13.17 -8.67 17.69
N GLY C 16 12.66 -7.58 17.11
CA GLY C 16 13.04 -6.25 17.55
C GLY C 16 14.33 -5.69 16.98
N LYS C 17 14.87 -6.29 15.93
CA LYS C 17 16.11 -5.83 15.31
C LYS C 17 16.05 -4.34 14.95
N SER C 18 14.90 -3.87 14.44
CA SER C 18 14.81 -2.49 13.93
C SER C 18 15.01 -1.43 15.01
N ALA C 19 14.88 -1.80 16.29
CA ALA C 19 15.04 -0.82 17.36
C ALA C 19 16.44 -0.25 17.43
N LEU C 20 17.43 -1.02 16.99
N LEU C 20 17.43 -1.01 16.96
CA LEU C 20 18.82 -0.58 17.02
CA LEU C 20 18.81 -0.55 17.05
C LEU C 20 18.99 0.71 16.23
C LEU C 20 19.04 0.71 16.22
N THR C 21 18.65 0.68 14.94
CA THR C 21 18.88 1.83 14.09
C THR C 21 17.91 2.95 14.42
N ILE C 22 16.66 2.61 14.73
CA ILE C 22 15.69 3.64 15.10
C ILE C 22 16.20 4.43 16.30
N GLN C 23 16.70 3.73 17.32
CA GLN C 23 17.14 4.45 18.52
C GLN C 23 18.37 5.29 18.25
N LEU C 24 19.26 4.83 17.37
CA LEU C 24 20.44 5.63 17.01
C LEU C 24 20.03 6.90 16.30
N ILE C 25 19.32 6.74 15.18
CA ILE C 25 19.01 7.84 14.26
C ILE C 25 18.00 8.77 14.88
N GLN C 26 17.17 8.24 15.78
CA GLN C 26 16.07 8.99 16.37
C GLN C 26 16.57 10.32 16.89
N ASN C 27 15.67 11.30 16.85
CA ASN C 27 15.66 12.28 17.92
C ASN C 27 15.86 11.45 19.17
N HIS C 28 17.10 11.40 19.69
CA HIS C 28 17.39 10.54 20.84
C HIS C 28 16.36 10.75 21.94
N PHE C 29 15.87 11.98 22.10
CA PHE C 29 15.08 12.39 23.25
C PHE C 29 13.60 12.61 22.95
N VAL C 30 13.13 12.37 21.73
CA VAL C 30 11.70 12.31 21.47
C VAL C 30 11.43 10.98 20.79
N ASP C 31 10.57 10.17 21.39
CA ASP C 31 10.29 8.82 20.90
C ASP C 31 9.31 8.94 19.74
N GLU C 32 9.87 9.08 18.53
CA GLU C 32 9.11 9.36 17.32
C GLU C 32 9.97 8.97 16.12
N TYR C 33 9.31 8.64 15.00
CA TYR C 33 10.04 8.21 13.82
C TYR C 33 9.14 8.25 12.59
N ASP C 34 9.67 8.77 11.49
CA ASP C 34 9.05 8.58 10.18
C ASP C 34 10.11 7.99 9.26
N PRO C 35 10.05 6.69 9.00
CA PRO C 35 11.08 6.05 8.16
C PRO C 35 10.98 6.43 6.70
N THR C 36 9.86 7.00 6.25
CA THR C 36 9.74 7.37 4.86
C THR C 36 10.53 8.63 4.55
N ILE C 37 11.03 9.31 5.58
CA ILE C 37 11.67 10.60 5.40
C ILE C 37 13.08 10.40 4.87
N GLU C 38 13.32 10.92 3.66
CA GLU C 38 14.64 11.14 3.10
C GLU C 38 15.66 11.34 4.21
N ASP C 39 16.57 10.38 4.34
CA ASP C 39 17.68 10.45 5.30
C ASP C 39 17.18 10.33 6.75
N SER C 40 16.26 9.38 6.95
N SER C 40 16.26 9.39 6.97
CA SER C 40 15.96 8.82 8.27
CA SER C 40 16.01 8.86 8.30
C SER C 40 16.95 7.71 8.63
C SER C 40 16.94 7.71 8.62
N TYR C 41 18.03 7.58 7.86
CA TYR C 41 19.00 6.51 7.99
C TYR C 41 20.39 7.04 7.73
N ARG C 42 20.56 8.36 7.76
CA ARG C 42 21.85 9.03 7.69
C ARG C 42 22.04 9.89 8.93
N LYS C 43 23.22 9.83 9.52
CA LYS C 43 23.51 10.54 10.75
C LYS C 43 24.97 10.95 10.77
N GLN C 44 25.21 12.24 11.00
CA GLN C 44 26.57 12.74 11.18
C GLN C 44 26.96 12.59 12.64
N VAL C 45 28.11 11.97 12.89
CA VAL C 45 28.56 11.65 14.24
C VAL C 45 30.04 11.98 14.36
N VAL C 46 30.49 12.11 15.60
CA VAL C 46 31.91 12.30 15.92
C VAL C 46 32.37 11.07 16.71
N ILE C 47 33.30 10.31 16.13
CA ILE C 47 33.84 9.09 16.73
C ILE C 47 35.34 9.27 16.92
N ASP C 48 35.78 9.25 18.17
CA ASP C 48 37.19 9.47 18.51
C ASP C 48 37.70 10.77 17.91
N GLY C 49 36.88 11.82 18.00
CA GLY C 49 37.26 13.14 17.53
C GLY C 49 37.21 13.34 16.03
N GLU C 50 36.80 12.34 15.26
CA GLU C 50 36.76 12.43 13.81
C GLU C 50 35.30 12.39 13.36
N THR C 51 34.86 13.47 12.70
CA THR C 51 33.49 13.56 12.23
C THR C 51 33.30 12.71 10.97
N CYS C 52 32.19 11.97 10.94
CA CYS C 52 31.89 11.15 9.77
C CYS C 52 30.38 11.05 9.62
N LEU C 53 29.97 10.48 8.49
CA LEU C 53 28.57 10.30 8.16
C LEU C 53 28.27 8.80 8.12
N LEU C 54 27.26 8.38 8.88
CA LEU C 54 26.82 6.98 8.85
C LEU C 54 25.62 6.87 7.93
N ASP C 55 25.71 5.95 6.96
CA ASP C 55 24.55 5.59 6.15
C ASP C 55 24.20 4.16 6.52
N ILE C 56 23.02 3.95 7.12
CA ILE C 56 22.67 2.65 7.68
C ILE C 56 21.57 2.02 6.84
N LEU C 57 21.82 0.81 6.35
CA LEU C 57 20.82 0.01 5.67
C LEU C 57 20.26 -1.01 6.64
N ASP C 58 18.96 -0.91 6.94
CA ASP C 58 18.26 -1.87 7.79
C ASP C 58 16.99 -2.23 7.05
N THR C 59 16.97 -3.41 6.41
CA THR C 59 15.82 -3.88 5.64
C THR C 59 14.85 -4.67 6.50
N ALA C 60 14.81 -4.40 7.81
CA ALA C 60 13.90 -5.07 8.72
C ALA C 60 12.50 -5.15 8.12
N GLY C 61 11.91 -6.34 8.19
CA GLY C 61 10.61 -6.62 7.61
C GLY C 61 10.68 -7.33 6.26
N GLN C 62 11.84 -7.31 5.61
CA GLN C 62 12.01 -7.95 4.30
C GLN C 62 12.70 -9.30 4.40
N GLU C 63 12.72 -9.91 5.58
CA GLU C 63 13.51 -11.13 5.77
C GLU C 63 13.07 -12.26 4.84
N GLU C 64 11.79 -12.30 4.45
CA GLU C 64 11.34 -13.37 3.58
C GLU C 64 11.86 -13.22 2.13
N TYR C 65 12.32 -12.03 1.75
CA TYR C 65 12.97 -11.85 0.44
C TYR C 65 14.43 -12.33 0.50
N SER C 66 14.58 -13.64 0.72
CA SER C 66 15.90 -14.17 1.05
C SER C 66 16.85 -14.09 -0.15
N ALA C 67 16.33 -14.07 -1.38
CA ALA C 67 17.23 -14.01 -2.51
C ALA C 67 17.73 -12.60 -2.79
N MET C 68 17.23 -11.59 -2.06
CA MET C 68 17.75 -10.24 -2.18
C MET C 68 18.89 -9.95 -1.21
N ARG C 69 19.18 -10.87 -0.28
CA ARG C 69 20.14 -10.58 0.77
C ARG C 69 21.52 -10.29 0.20
N ASP C 70 21.96 -11.06 -0.79
CA ASP C 70 23.29 -10.83 -1.36
C ASP C 70 23.43 -9.41 -1.86
N GLN C 71 22.47 -8.94 -2.66
CA GLN C 71 22.59 -7.62 -3.23
C GLN C 71 22.59 -6.55 -2.15
N TYR C 72 21.67 -6.65 -1.18
CA TYR C 72 21.67 -5.70 -0.05
C TYR C 72 23.02 -5.72 0.68
N MET C 73 23.53 -6.91 0.98
CA MET C 73 24.77 -7.01 1.77
C MET C 73 25.96 -6.43 1.03
N ARG C 74 26.00 -6.56 -0.31
CA ARG C 74 27.21 -6.12 -1.00
C ARG C 74 27.41 -4.61 -0.89
N THR C 75 26.34 -3.86 -0.59
CA THR C 75 26.45 -2.42 -0.44
C THR C 75 27.27 -2.02 0.79
N GLY C 76 27.49 -2.93 1.74
CA GLY C 76 28.02 -2.54 3.03
C GLY C 76 29.52 -2.64 3.15
N GLU C 77 30.11 -1.72 3.94
CA GLU C 77 31.49 -1.83 4.35
C GLU C 77 31.66 -2.48 5.71
N GLY C 78 30.64 -2.43 6.54
CA GLY C 78 30.67 -3.03 7.87
C GLY C 78 29.28 -3.52 8.21
N PHE C 79 29.21 -4.52 9.08
CA PHE C 79 27.95 -5.21 9.34
C PHE C 79 27.69 -5.36 10.82
N LEU C 80 26.46 -5.08 11.24
CA LEU C 80 25.99 -5.43 12.57
CA LEU C 80 25.97 -5.42 12.57
C LEU C 80 25.17 -6.70 12.46
N CYS C 81 25.65 -7.77 13.09
CA CYS C 81 24.93 -9.04 13.07
C CYS C 81 24.17 -9.14 14.39
N VAL C 82 22.84 -9.05 14.31
CA VAL C 82 21.98 -8.83 15.48
C VAL C 82 21.18 -10.08 15.77
N PHE C 83 21.15 -10.50 17.04
CA PHE C 83 20.23 -11.52 17.51
C PHE C 83 19.53 -11.00 18.75
N ALA C 84 18.42 -11.65 19.11
CA ALA C 84 17.69 -11.31 20.32
C ALA C 84 18.11 -12.23 21.46
N ILE C 85 18.36 -11.65 22.63
CA ILE C 85 18.86 -12.46 23.73
C ILE C 85 17.80 -13.39 24.32
N ASN C 86 16.54 -13.24 23.93
CA ASN C 86 15.51 -14.20 24.34
C ASN C 86 15.06 -15.09 23.19
N ASN C 87 15.85 -15.20 22.11
CA ASN C 87 15.48 -16.05 20.98
C ASN C 87 16.72 -16.83 20.54
N THR C 88 16.82 -18.07 21.02
N THR C 88 16.84 -18.07 21.02
CA THR C 88 18.01 -18.86 20.73
CA THR C 88 18.03 -18.85 20.73
C THR C 88 18.18 -19.11 19.25
C THR C 88 18.18 -19.13 19.24
N LYS C 89 17.07 -19.32 18.53
CA LYS C 89 17.18 -19.54 17.09
C LYS C 89 17.86 -18.36 16.39
N SER C 90 17.53 -17.13 16.79
CA SER C 90 18.16 -15.97 16.14
C SER C 90 19.67 -15.94 16.41
N PHE C 91 20.09 -16.46 17.57
CA PHE C 91 21.51 -16.56 17.88
C PHE C 91 22.17 -17.65 17.03
N GLU C 92 21.48 -18.78 16.87
CA GLU C 92 22.02 -19.87 16.05
C GLU C 92 22.10 -19.48 14.58
N ASP C 93 21.28 -18.53 14.13
CA ASP C 93 21.34 -18.03 12.75
C ASP C 93 22.61 -17.25 12.46
N ILE C 94 23.32 -16.77 13.48
CA ILE C 94 24.41 -15.81 13.26
C ILE C 94 25.50 -16.42 12.39
N HIS C 95 25.82 -17.69 12.61
CA HIS C 95 26.90 -18.32 11.84
C HIS C 95 26.64 -18.21 10.34
N GLN C 96 25.42 -18.50 9.90
CA GLN C 96 25.14 -18.46 8.47
C GLN C 96 25.11 -17.04 7.93
N TYR C 97 24.64 -16.06 8.71
CA TYR C 97 24.74 -14.68 8.27
C TYR C 97 26.19 -14.28 8.05
N ARG C 98 27.07 -14.65 8.98
CA ARG C 98 28.48 -14.30 8.83
C ARG C 98 29.09 -14.98 7.62
N GLU C 99 28.74 -16.25 7.39
CA GLU C 99 29.28 -16.95 6.22
C GLU C 99 28.79 -16.29 4.94
N GLN C 100 27.55 -15.82 4.93
CA GLN C 100 27.00 -15.19 3.74
C GLN C 100 27.66 -13.84 3.48
N ILE C 101 27.92 -13.06 4.54
CA ILE C 101 28.64 -11.80 4.39
C ILE C 101 30.03 -12.04 3.81
N LYS C 102 30.74 -13.04 4.33
CA LYS C 102 32.10 -13.33 3.84
C LYS C 102 32.07 -13.70 2.36
N ARG C 103 31.06 -14.47 1.96
CA ARG C 103 30.94 -14.86 0.56
C ARG C 103 30.63 -13.65 -0.32
N VAL C 104 29.66 -12.83 0.09
CA VAL C 104 29.23 -11.70 -0.73
C VAL C 104 30.37 -10.69 -0.87
N LYS C 105 31.11 -10.43 0.20
CA LYS C 105 32.21 -9.48 0.14
C LYS C 105 33.49 -10.11 -0.39
N ASP C 106 33.50 -11.43 -0.58
CA ASP C 106 34.66 -12.17 -1.07
C ASP C 106 35.90 -11.90 -0.19
N SER C 107 35.71 -12.01 1.11
CA SER C 107 36.78 -11.74 2.06
C SER C 107 36.54 -12.55 3.32
N ASP C 108 37.64 -13.05 3.91
CA ASP C 108 37.55 -13.72 5.19
C ASP C 108 37.63 -12.76 6.37
N ASP C 109 37.85 -11.46 6.11
CA ASP C 109 38.03 -10.46 7.16
C ASP C 109 37.18 -9.24 6.81
N VAL C 110 35.90 -9.31 7.13
CA VAL C 110 34.94 -8.24 6.87
C VAL C 110 34.64 -7.55 8.19
N PRO C 111 34.69 -6.22 8.27
CA PRO C 111 34.36 -5.54 9.53
C PRO C 111 32.94 -5.86 9.97
N MET C 112 32.83 -6.39 11.18
CA MET C 112 31.51 -6.72 11.69
C MET C 112 31.55 -6.79 13.20
N VAL C 113 30.38 -6.60 13.80
CA VAL C 113 30.23 -6.75 15.25
C VAL C 113 29.01 -7.63 15.49
N LEU C 114 29.05 -8.35 16.60
CA LEU C 114 27.92 -9.18 17.06
C LEU C 114 27.14 -8.38 18.08
N VAL C 115 25.82 -8.29 17.90
CA VAL C 115 24.98 -7.48 18.79
C VAL C 115 23.89 -8.36 19.37
N GLY C 116 23.84 -8.43 20.70
CA GLY C 116 22.77 -9.11 21.39
C GLY C 116 21.78 -8.07 21.87
N ASN C 117 20.54 -8.17 21.39
CA ASN C 117 19.53 -7.14 21.59
C ASN C 117 18.49 -7.62 22.60
N LYS C 118 18.23 -6.80 23.61
N LYS C 118 18.24 -6.82 23.64
CA LYS C 118 17.18 -7.08 24.61
CA LYS C 118 17.18 -7.12 24.59
C LYS C 118 15.91 -6.36 24.16
C LYS C 118 15.93 -6.37 24.14
N CYS C 119 14.97 -7.11 23.57
CA CYS C 119 13.82 -6.49 22.92
C CYS C 119 12.57 -6.48 23.79
N ASP C 120 12.58 -7.16 24.94
CA ASP C 120 11.46 -7.09 25.86
C ASP C 120 11.91 -7.66 27.21
N LEU C 121 10.93 -7.92 28.08
CA LEU C 121 11.19 -8.46 29.41
C LEU C 121 11.00 -9.97 29.46
N ALA C 122 10.72 -10.62 28.33
CA ALA C 122 10.72 -12.08 28.30
C ALA C 122 12.09 -12.60 28.69
N ALA C 123 12.11 -13.83 29.22
CA ALA C 123 13.32 -14.33 29.85
C ALA C 123 14.46 -14.49 28.85
N ARG C 124 15.65 -14.06 29.25
CA ARG C 124 16.84 -14.27 28.44
C ARG C 124 17.11 -15.76 28.30
N THR C 125 17.46 -16.19 27.07
CA THR C 125 17.83 -17.57 26.82
C THR C 125 19.25 -17.72 26.28
N VAL C 126 19.89 -16.64 25.85
CA VAL C 126 21.28 -16.64 25.42
C VAL C 126 22.05 -15.86 26.46
N GLU C 127 22.92 -16.54 27.20
CA GLU C 127 23.73 -15.88 28.21
C GLU C 127 24.87 -15.12 27.55
N SER C 128 25.30 -14.04 28.21
CA SER C 128 26.33 -13.22 27.60
C SER C 128 27.62 -14.01 27.38
N ARG C 129 27.94 -14.96 28.27
CA ARG C 129 29.13 -15.77 28.07
C ARG C 129 29.07 -16.56 26.76
N GLN C 130 27.88 -17.11 26.43
CA GLN C 130 27.73 -17.81 25.16
C GLN C 130 28.04 -16.89 24.00
N ALA C 131 27.52 -15.67 24.04
CA ALA C 131 27.70 -14.74 22.94
C ALA C 131 29.14 -14.24 22.88
N GLN C 132 29.76 -13.99 24.05
CA GLN C 132 31.16 -13.60 24.06
C GLN C 132 32.04 -14.69 23.46
N ASP C 133 31.75 -15.95 23.81
CA ASP C 133 32.55 -17.05 23.25
C ASP C 133 32.39 -17.12 21.73
N LEU C 134 31.17 -16.94 21.23
CA LEU C 134 30.98 -16.95 19.78
C LEU C 134 31.74 -15.83 19.11
N ALA C 135 31.62 -14.60 19.64
CA ALA C 135 32.31 -13.46 19.06
C ALA C 135 33.82 -13.66 19.08
N ARG C 136 34.36 -14.19 20.19
CA ARG C 136 35.79 -14.44 20.25
C ARG C 136 36.22 -15.47 19.22
N SER C 137 35.38 -16.50 18.99
CA SER C 137 35.73 -17.51 18.01
C SER C 137 35.82 -16.92 16.60
N TYR C 138 35.06 -15.86 16.34
CA TYR C 138 35.08 -15.14 15.07
C TYR C 138 36.08 -13.99 15.03
N GLY C 139 36.65 -13.61 16.17
CA GLY C 139 37.53 -12.46 16.21
C GLY C 139 36.84 -11.12 16.07
N ILE C 140 35.62 -10.98 16.58
CA ILE C 140 34.87 -9.73 16.43
C ILE C 140 34.36 -9.28 17.80
N PRO C 141 34.04 -7.98 17.92
CA PRO C 141 33.48 -7.48 19.18
C PRO C 141 32.06 -7.97 19.43
N TYR C 142 31.68 -7.98 20.70
CA TYR C 142 30.31 -8.26 21.13
C TYR C 142 29.78 -7.06 21.91
N ILE C 143 28.59 -6.58 21.54
CA ILE C 143 27.93 -5.48 22.22
C ILE C 143 26.52 -5.92 22.55
N GLU C 144 26.07 -5.68 23.78
CA GLU C 144 24.66 -5.89 24.11
C GLU C 144 23.93 -4.56 24.17
N THR C 145 22.68 -4.56 23.68
CA THR C 145 21.89 -3.34 23.58
C THR C 145 20.49 -3.56 24.14
N SER C 146 19.88 -2.47 24.58
CA SER C 146 18.47 -2.52 24.99
C SER C 146 17.62 -1.82 23.92
N ALA C 147 16.51 -2.45 23.56
CA ALA C 147 15.59 -1.90 22.57
C ALA C 147 14.71 -0.81 23.15
N LYS C 148 14.79 -0.57 24.46
CA LYS C 148 13.92 0.39 25.12
C LYS C 148 14.64 1.56 25.76
N THR C 149 15.87 1.38 26.25
CA THR C 149 16.56 2.42 27.01
C THR C 149 17.66 3.10 26.24
N ARG C 150 17.94 2.64 25.02
CA ARG C 150 19.03 3.08 24.16
C ARG C 150 20.40 2.65 24.66
N GLN C 151 20.49 1.90 25.76
CA GLN C 151 21.80 1.45 26.24
C GLN C 151 22.47 0.57 25.18
N GLY C 152 23.76 0.81 24.98
CA GLY C 152 24.57 0.01 24.06
C GLY C 152 24.46 0.42 22.61
N VAL C 153 23.49 1.24 22.24
CA VAL C 153 23.22 1.49 20.82
C VAL C 153 24.38 2.24 20.18
N GLU C 154 24.80 3.35 20.79
N GLU C 154 24.79 3.36 20.79
CA GLU C 154 25.94 4.09 20.25
CA GLU C 154 25.94 4.09 20.26
C GLU C 154 27.20 3.23 20.25
C GLU C 154 27.18 3.21 20.24
N ASP C 155 27.40 2.44 21.31
CA ASP C 155 28.58 1.57 21.37
C ASP C 155 28.59 0.57 20.21
N ALA C 156 27.43 0.03 19.85
CA ALA C 156 27.38 -0.95 18.75
C ALA C 156 27.85 -0.31 17.44
N PHE C 157 27.30 0.85 17.10
CA PHE C 157 27.64 1.48 15.83
C PHE C 157 29.05 2.04 15.85
N TYR C 158 29.45 2.70 16.94
CA TYR C 158 30.79 3.27 17.00
C TYR C 158 31.86 2.19 17.00
N THR C 159 31.59 1.07 17.66
CA THR C 159 32.54 -0.03 17.64
C THR C 159 32.72 -0.55 16.22
N LEU C 160 31.63 -0.65 15.47
CA LEU C 160 31.74 -1.11 14.08
C LEU C 160 32.56 -0.13 13.25
N VAL C 161 32.35 1.18 13.43
CA VAL C 161 33.14 2.15 12.68
C VAL C 161 34.62 2.01 13.02
N ARG C 162 34.95 1.76 14.30
CA ARG C 162 36.35 1.53 14.67
C ARG C 162 36.90 0.28 14.00
N GLU C 163 36.07 -0.77 13.86
CA GLU C 163 36.52 -1.95 13.13
C GLU C 163 36.82 -1.63 11.67
N ILE C 164 36.00 -0.77 11.06
CA ILE C 164 36.28 -0.37 9.68
C ILE C 164 37.57 0.44 9.61
N ARG C 165 37.72 1.41 10.52
CA ARG C 165 38.90 2.28 10.50
C ARG C 165 40.18 1.50 10.69
N GLN C 166 40.13 0.44 11.50
CA GLN C 166 41.31 -0.33 11.84
C GLN C 166 41.47 -1.58 10.99
N HIS C 167 40.67 -1.74 9.95
CA HIS C 167 40.75 -2.92 9.09
C HIS C 167 42.14 -3.02 8.45
PG GNP D . -26.55 7.35 -4.86
O1G GNP D . -27.71 6.85 -4.02
O2G GNP D . -25.23 6.97 -4.18
O3G GNP D . -26.66 8.87 -5.07
N3B GNP D . -26.65 6.54 -6.34
PB GNP D . -25.53 6.69 -7.54
O1B GNP D . -25.74 7.98 -8.31
O2B GNP D . -24.13 6.50 -7.03
O3A GNP D . -25.92 5.51 -8.59
PA GNP D . -25.25 4.07 -8.68
O1A GNP D . -23.82 4.22 -9.21
O2A GNP D . -25.45 3.39 -7.37
O5' GNP D . -26.11 3.40 -9.79
C5' GNP D . -27.54 3.23 -9.62
C4' GNP D . -27.98 2.13 -10.54
O4' GNP D . -27.82 2.56 -11.92
C3' GNP D . -27.24 0.81 -10.41
O3' GNP D . -28.14 -0.29 -10.59
C2' GNP D . -26.22 0.88 -11.55
O2' GNP D . -25.84 -0.40 -12.03
C1' GNP D . -27.02 1.63 -12.62
N9 GNP D . -26.15 2.37 -13.54
C8 GNP D . -25.18 3.30 -13.20
N7 GNP D . -24.56 3.80 -14.24
C5 GNP D . -25.14 3.16 -15.32
C6 GNP D . -24.88 3.28 -16.74
O6 GNP D . -24.07 4.00 -17.28
N1 GNP D . -25.70 2.45 -17.48
C2 GNP D . -26.66 1.62 -16.97
N2 GNP D . -27.36 0.89 -17.84
N3 GNP D . -26.90 1.50 -15.67
C4 GNP D . -26.11 2.28 -14.91
MG MG E . -23.53 6.28 -5.07
C4 QTG F . 25.60 -4.37 -14.41
C5 QTG F . 26.34 -4.86 -15.48
C6 QTG F . 26.77 -6.18 -15.42
C7 QTG F . 26.49 -6.99 -14.32
C8 QTG F . 25.75 -6.48 -13.27
N QTG F . 25.25 -4.45 -10.74
C QTG F . 28.42 -2.76 -9.52
O QTG F . 23.20 -5.20 -11.95
C1 QTG F . 26.93 -3.08 -9.54
C2 QTG F . 26.66 -4.02 -10.71
C3 QTG F . 25.30 -5.16 -13.30
C9 QTG F . 25.47 -7.44 -12.14
F QTG F . 27.48 -6.68 -16.44
O1 QTG F . 24.26 -3.04 -12.46
S QTG F . 24.36 -4.42 -12.12
C FMT G . -23.69 23.91 15.42
O1 FMT G . -23.72 23.70 16.63
O2 FMT G . -23.04 23.23 14.62
C FMT H . 1.05 -23.08 -33.35
O1 FMT H . 2.09 -23.74 -33.39
O2 FMT H . 0.99 -21.85 -33.34
C FMT I . -21.59 12.27 4.71
O1 FMT I . -20.89 11.83 5.63
O2 FMT I . -21.89 13.46 4.57
C FMT J . -20.17 16.08 17.36
O1 FMT J . -20.65 15.37 16.48
O2 FMT J . -20.23 17.31 17.34
C FMT K . 22.53 -31.09 -27.60
O1 FMT K . 22.51 -31.59 -26.48
O2 FMT K . 23.16 -30.07 -27.90
C1 GOL L . -6.16 -8.13 -14.25
O1 GOL L . -7.51 -8.31 -13.92
C2 GOL L . -5.39 -8.87 -13.16
O2 GOL L . -5.53 -10.25 -13.30
C3 GOL L . -3.89 -8.41 -13.27
O3 GOL L . -3.83 -7.00 -13.27
C1 GOL M . 4.48 -6.40 -23.67
O1 GOL M . 3.11 -6.49 -23.72
C2 GOL M . 4.97 -5.80 -25.01
O2 GOL M . 4.11 -4.83 -25.48
C3 GOL M . 6.31 -5.20 -24.65
O3 GOL M . 7.24 -5.78 -25.51
C FMT N . 12.32 -6.47 13.40
O1 FMT N . 12.46 -5.32 13.82
O2 FMT N . 12.86 -6.95 12.39
NA NA O . 14.70 -19.00 22.81
#